data_3MDT
#
_entry.id   3MDT
#
_cell.length_a   121.600
_cell.length_b   121.600
_cell.length_c   143.830
_cell.angle_alpha   90.00
_cell.angle_beta   90.00
_cell.angle_gamma   90.00
#
_symmetry.space_group_name_H-M   'I 41'
#
loop_
_entity.id
_entity.type
_entity.pdbx_description
1 polymer 'Cholesterol 24-hydroxylase'
2 non-polymer 'PROTOPORPHYRIN IX CONTAINING FE'
3 non-polymer Voriconazole
4 water water
#
_entity_poly.entity_id   1
_entity_poly.type   'polypeptide(L)'
_entity_poly.pdbx_seq_one_letter_code
;MAKKDEVGGRVLQDVFLDWAKKYGPVVRVNVFHKTSVIVTSPESVKKFLMSTKYNKDSKMYRALQTVFGERLFGQGLVSE
CNYERWHKQRRVIDLAFSRSSLVSLMETFNEKAEQLVEILEAKADGQTPVSMQDMLTYTAMDILAKAAFGMETSMLLGAQ
KPLSQAVKLMLEGITASRNTLAKFLPGKRKQLREVRESIRFLRQVGRDWVQRRREALKRGEEVPADILTQILKAEEGAQD
DEGLLDNFVTFFIAGHETSANHLAFTVMELSRQPEIVARLQAEVDEVIGSKRYLDFEDLGRLQYLSQVLKESLRLYPPAW
GTFRLLEEETLIDGVRVPGNTPLLFSTYVMGRMDTYFEDPLTFNPDRFGPGAPKPRFTYFPFSLGHRSCIGQQFAQMEVK
VVMAKLLQRLEFRLVPGQRFGLQEQATLKPLDPVLCTLRPRGWQPAPPPPPCHHHH
;
_entity_poly.pdbx_strand_id   A,B
#
# COMPACT_ATOMS: atom_id res chain seq x y z
N VAL A 11 13.21 11.42 21.64
CA VAL A 11 13.71 10.38 20.70
C VAL A 11 13.88 11.00 19.31
N LEU A 12 15.12 11.01 18.82
CA LEU A 12 15.44 11.64 17.53
C LEU A 12 14.56 11.14 16.37
N GLN A 13 14.31 9.84 16.34
CA GLN A 13 13.45 9.24 15.33
C GLN A 13 12.01 9.77 15.36
N ASP A 14 11.53 10.09 16.57
CA ASP A 14 10.18 10.66 16.73
C ASP A 14 10.05 12.07 16.18
N VAL A 15 11.18 12.79 16.13
CA VAL A 15 11.23 14.11 15.50
C VAL A 15 11.12 13.96 13.99
N PHE A 16 11.82 12.98 13.44
CA PHE A 16 11.78 12.70 12.00
C PHE A 16 10.38 12.31 11.56
N LEU A 17 9.68 11.59 12.43
CA LEU A 17 8.30 11.19 12.19
C LEU A 17 7.39 12.41 12.00
N ASP A 18 7.48 13.37 12.93
CA ASP A 18 6.67 14.58 12.87
C ASP A 18 6.98 15.40 11.64
N TRP A 19 8.26 15.46 11.27
CA TRP A 19 8.68 16.17 10.06
C TRP A 19 8.23 15.50 8.78
N ALA A 20 8.12 14.17 8.81
CA ALA A 20 7.63 13.41 7.65
C ALA A 20 6.12 13.57 7.47
N LYS A 21 5.39 13.60 8.58
CA LYS A 21 3.94 13.77 8.55
C LYS A 21 3.54 15.19 8.18
N LYS A 22 4.39 16.15 8.54
CA LYS A 22 4.10 17.56 8.39
C LYS A 22 4.65 18.16 7.09
N TYR A 23 5.86 17.74 6.71
CA TYR A 23 6.54 18.34 5.56
C TYR A 23 6.64 17.44 4.31
N GLY A 24 6.07 16.24 4.40
CA GLY A 24 5.94 15.38 3.23
C GLY A 24 6.98 14.27 3.12
N PRO A 25 7.07 13.64 1.95
CA PRO A 25 7.88 12.44 1.76
C PRO A 25 9.36 12.66 1.41
N VAL A 26 9.76 13.92 1.31
CA VAL A 26 11.17 14.26 1.03
C VAL A 26 11.58 15.44 1.91
N VAL A 27 12.29 15.15 3.00
CA VAL A 27 12.66 16.17 3.98
C VAL A 27 14.15 16.13 4.31
N ARG A 28 14.82 17.27 4.13
CA ARG A 28 16.24 17.41 4.47
C ARG A 28 16.41 17.50 5.98
N VAL A 29 17.33 16.71 6.53
CA VAL A 29 17.48 16.60 7.98
C VAL A 29 18.94 16.59 8.44
N ASN A 30 19.15 16.89 9.73
CA ASN A 30 20.43 16.68 10.38
C ASN A 30 20.42 15.37 11.16
N VAL A 31 21.24 14.42 10.73
CA VAL A 31 21.35 13.12 11.40
C VAL A 31 22.82 12.85 11.75
N PHE A 32 23.06 12.56 13.02
CA PHE A 32 24.42 12.37 13.52
C PHE A 32 25.37 13.48 13.06
N HIS A 33 24.93 14.72 13.23
CA HIS A 33 25.63 15.92 12.70
C HIS A 33 26.10 15.81 11.24
N LYS A 34 25.26 15.22 10.40
CA LYS A 34 25.45 15.22 8.95
C LYS A 34 24.11 15.51 8.28
N THR A 35 24.15 16.20 7.14
CA THR A 35 22.95 16.48 6.37
C THR A 35 22.54 15.26 5.56
N SER A 36 21.26 14.93 5.61
CA SER A 36 20.70 13.85 4.79
C SER A 36 19.25 14.14 4.46
N VAL A 37 18.69 13.40 3.51
CA VAL A 37 17.30 13.56 3.11
C VAL A 37 16.49 12.31 3.47
N ILE A 38 15.47 12.48 4.29
CA ILE A 38 14.60 11.36 4.68
C ILE A 38 13.53 11.10 3.61
N VAL A 39 13.49 9.86 3.12
CA VAL A 39 12.57 9.47 2.08
C VAL A 39 11.55 8.51 2.68
N THR A 40 10.27 8.89 2.63
CA THR A 40 9.21 8.13 3.31
C THR A 40 8.06 7.59 2.46
N SER A 41 8.17 7.74 1.14
CA SER A 41 7.20 7.12 0.24
C SER A 41 7.61 5.67 -0.03
N PRO A 42 6.65 4.74 0.04
CA PRO A 42 6.92 3.32 -0.21
C PRO A 42 7.34 3.05 -1.67
N GLU A 43 6.93 3.93 -2.57
CA GLU A 43 7.34 3.83 -3.97
C GLU A 43 8.82 4.18 -4.12
N SER A 44 9.33 5.02 -3.22
CA SER A 44 10.74 5.38 -3.22
C SER A 44 11.59 4.43 -2.38
N VAL A 45 10.97 3.76 -1.41
CA VAL A 45 11.63 2.73 -0.63
C VAL A 45 12.00 1.55 -1.53
N LYS A 46 11.08 1.17 -2.40
CA LYS A 46 11.32 0.13 -3.40
C LYS A 46 12.46 0.51 -4.35
N LYS A 47 12.35 1.68 -4.97
CA LYS A 47 13.31 2.11 -5.99
C LYS A 47 14.78 2.02 -5.54
N PHE A 48 15.06 2.53 -4.34
CA PHE A 48 16.43 2.67 -3.89
C PHE A 48 16.99 1.48 -3.11
N LEU A 49 16.13 0.79 -2.37
CA LEU A 49 16.55 -0.35 -1.54
C LEU A 49 16.58 -1.67 -2.29
N MET A 50 15.79 -1.78 -3.37
CA MET A 50 15.68 -3.02 -4.13
C MET A 50 16.62 -3.12 -5.35
N SER A 51 17.60 -2.22 -5.42
CA SER A 51 18.52 -2.17 -6.56
C SER A 51 19.99 -2.11 -6.16
N THR A 52 20.83 -2.82 -6.90
CA THR A 52 22.29 -2.80 -6.66
C THR A 52 22.90 -1.48 -7.11
N LYS A 53 22.18 -0.74 -7.94
CA LYS A 53 22.60 0.60 -8.38
C LYS A 53 22.95 1.50 -7.20
N TYR A 54 22.10 1.46 -6.18
CA TYR A 54 22.27 2.34 -5.02
C TYR A 54 22.90 1.57 -3.87
N ASN A 55 24.01 2.10 -3.36
CA ASN A 55 24.72 1.48 -2.27
C ASN A 55 24.86 2.40 -1.06
N LYS A 56 25.41 1.88 0.03
CA LYS A 56 25.54 2.63 1.27
C LYS A 56 26.46 3.83 1.16
N ASP A 57 26.10 4.91 1.85
CA ASP A 57 26.94 6.10 1.91
C ASP A 57 28.00 5.94 2.99
N SER A 58 29.27 5.94 2.57
CA SER A 58 30.39 5.76 3.49
C SER A 58 30.49 6.85 4.56
N LYS A 59 29.92 8.02 4.28
CA LYS A 59 29.95 9.13 5.23
C LYS A 59 29.18 8.85 6.52
N MET A 60 28.11 8.07 6.42
CA MET A 60 27.25 7.77 7.58
C MET A 60 27.78 6.62 8.42
N TYR A 61 28.43 5.67 7.76
CA TYR A 61 28.96 4.48 8.43
C TYR A 61 30.43 4.67 8.84
N ARG A 62 31.02 5.77 8.41
CA ARG A 62 32.44 6.05 8.63
C ARG A 62 32.83 6.10 10.12
N ALA A 63 31.96 6.70 10.93
CA ALA A 63 32.24 6.92 12.34
C ALA A 63 32.22 5.64 13.18
N LEU A 64 31.52 4.62 12.68
CA LEU A 64 31.41 3.34 13.39
C LEU A 64 32.59 2.43 13.07
N GLN A 65 33.28 2.74 11.97
CA GLN A 65 34.47 2.00 11.56
C GLN A 65 35.61 2.20 12.55
N THR A 66 35.75 3.42 13.05
CA THR A 66 36.75 3.76 14.06
C THR A 66 36.09 4.66 15.10
N VAL A 67 36.07 4.21 16.35
CA VAL A 67 35.36 4.92 17.41
C VAL A 67 36.32 5.48 18.47
N PHE A 68 36.24 6.79 18.69
CA PHE A 68 37.12 7.51 19.63
C PHE A 68 38.61 7.18 19.43
N GLY A 69 39.05 7.25 18.18
CA GLY A 69 40.45 7.00 17.84
C GLY A 69 40.90 5.55 17.93
N GLU A 70 39.92 4.65 18.02
CA GLU A 70 40.21 3.22 18.13
C GLU A 70 39.30 2.42 17.19
N ARG A 71 39.91 1.64 16.42
CA ARG A 71 39.22 0.87 15.41
C ARG A 71 38.23 -0.14 15.91
N LEU A 72 37.06 -0.20 15.49
CA LEU A 72 35.89 -0.99 15.81
C LEU A 72 35.30 -1.79 14.69
N PHE A 73 34.47 -1.37 13.93
CA PHE A 73 33.88 -2.25 12.95
C PHE A 73 34.65 -2.30 11.65
N GLY A 74 35.57 -1.41 11.42
CA GLY A 74 36.42 -1.54 10.29
C GLY A 74 35.78 -1.49 8.94
N GLN A 75 36.06 -2.45 8.14
CA GLN A 75 35.41 -2.65 6.83
C GLN A 75 34.71 -4.01 6.76
N GLY A 76 33.95 -4.34 7.80
CA GLY A 76 33.24 -5.61 7.88
C GLY A 76 32.00 -5.67 7.01
N LEU A 77 31.24 -6.75 7.15
CA LEU A 77 30.05 -7.00 6.30
C LEU A 77 28.99 -5.88 6.34
N VAL A 78 28.89 -5.19 7.48
CA VAL A 78 27.95 -4.09 7.62
C VAL A 78 28.55 -2.76 7.14
N SER A 79 29.69 -2.39 7.71
CA SER A 79 30.28 -1.07 7.48
C SER A 79 30.91 -0.87 6.10
N GLU A 80 31.15 -1.96 5.38
CA GLU A 80 31.70 -1.88 4.02
C GLU A 80 30.64 -1.40 3.02
N CYS A 81 30.80 -0.17 2.55
CA CYS A 81 29.83 0.45 1.67
C CYS A 81 30.11 0.25 0.18
N ASN A 82 31.39 0.10 -0.17
CA ASN A 82 31.80 -0.20 -1.54
C ASN A 82 31.24 -1.57 -1.97
N TYR A 83 30.47 -1.57 -3.06
CA TYR A 83 29.76 -2.78 -3.49
C TYR A 83 30.67 -3.99 -3.71
N GLU A 84 31.81 -3.76 -4.36
CA GLU A 84 32.72 -4.83 -4.73
C GLU A 84 33.36 -5.55 -3.53
N ARG A 85 33.92 -4.77 -2.61
CA ARG A 85 34.52 -5.31 -1.39
C ARG A 85 33.50 -5.98 -0.49
N TRP A 86 32.28 -5.43 -0.45
CA TRP A 86 31.19 -6.04 0.30
C TRP A 86 30.73 -7.35 -0.33
N HIS A 87 30.63 -7.37 -1.65
CA HIS A 87 30.07 -8.52 -2.38
C HIS A 87 30.94 -9.76 -2.28
N LYS A 88 32.26 -9.56 -2.30
CA LYS A 88 33.22 -10.65 -2.21
C LYS A 88 33.13 -11.38 -0.87
N GLN A 89 32.99 -10.61 0.21
CA GLN A 89 32.89 -11.19 1.56
C GLN A 89 31.48 -11.70 1.88
N ARG A 90 30.46 -11.06 1.28
CA ARG A 90 29.07 -11.50 1.47
C ARG A 90 28.86 -12.91 0.90
N ARG A 91 29.41 -13.16 -0.29
CA ARG A 91 29.27 -14.45 -0.95
C ARG A 91 29.98 -15.57 -0.18
N VAL A 92 31.02 -15.22 0.56
CA VAL A 92 31.76 -16.18 1.39
C VAL A 92 31.05 -16.42 2.72
N ILE A 93 30.65 -15.33 3.39
CA ILE A 93 29.97 -15.42 4.67
C ILE A 93 28.55 -16.01 4.55
N ASP A 94 27.95 -15.87 3.37
CA ASP A 94 26.62 -16.45 3.08
C ASP A 94 26.53 -17.95 3.41
N LEU A 95 27.63 -18.68 3.20
CA LEU A 95 27.69 -20.12 3.46
C LEU A 95 27.33 -20.49 4.91
N ALA A 96 27.66 -19.59 5.84
CA ALA A 96 27.40 -19.80 7.26
C ALA A 96 25.93 -19.60 7.63
N PHE A 97 25.14 -19.05 6.71
CA PHE A 97 23.74 -18.76 6.96
C PHE A 97 22.80 -19.55 6.06
N SER A 98 23.24 -20.73 5.64
CA SER A 98 22.42 -21.62 4.83
C SER A 98 21.39 -22.31 5.70
N ARG A 99 20.42 -22.96 5.07
CA ARG A 99 19.35 -23.65 5.79
C ARG A 99 19.93 -24.69 6.76
N SER A 100 20.73 -25.62 6.24
CA SER A 100 21.32 -26.68 7.06
C SER A 100 22.35 -26.16 8.07
N SER A 101 22.93 -25.00 7.78
CA SER A 101 23.82 -24.33 8.71
C SER A 101 23.02 -23.81 9.91
N LEU A 102 21.82 -23.29 9.65
CA LEU A 102 20.95 -22.78 10.69
C LEU A 102 20.19 -23.90 11.40
N VAL A 103 19.97 -25.01 10.69
CA VAL A 103 19.34 -26.19 11.27
C VAL A 103 20.27 -26.78 12.33
N SER A 104 21.57 -26.72 12.07
CA SER A 104 22.57 -27.23 13.01
C SER A 104 22.74 -26.33 14.24
N LEU A 105 22.16 -25.13 14.18
CA LEU A 105 22.23 -24.19 15.29
C LEU A 105 21.01 -24.26 16.21
N MET A 106 20.04 -25.10 15.84
CA MET A 106 18.84 -25.29 16.64
C MET A 106 19.13 -25.89 18.02
N GLU A 107 20.15 -26.74 18.09
CA GLU A 107 20.60 -27.31 19.36
C GLU A 107 21.11 -26.21 20.30
N THR A 108 21.83 -25.24 19.72
CA THR A 108 22.37 -24.11 20.49
C THR A 108 21.23 -23.21 21.00
N PHE A 109 20.30 -22.87 20.10
CA PHE A 109 19.16 -22.03 20.46
C PHE A 109 18.37 -22.64 21.62
N ASN A 110 18.26 -23.97 21.61
CA ASN A 110 17.51 -24.69 22.63
C ASN A 110 18.16 -24.74 24.01
N GLU A 111 19.46 -25.05 24.05
CA GLU A 111 20.20 -25.12 25.31
C GLU A 111 20.11 -23.82 26.10
N LYS A 112 20.32 -22.69 25.41
CA LYS A 112 20.37 -21.38 26.05
C LYS A 112 19.00 -20.88 26.53
N ALA A 113 17.97 -21.13 25.74
CA ALA A 113 16.60 -20.78 26.14
C ALA A 113 16.21 -21.56 27.39
N GLU A 114 16.49 -22.87 27.39
CA GLU A 114 16.19 -23.73 28.53
C GLU A 114 16.88 -23.26 29.80
N GLN A 115 18.15 -22.89 29.68
CA GLN A 115 18.93 -22.38 30.82
C GLN A 115 18.36 -21.07 31.34
N LEU A 116 18.03 -20.15 30.42
CA LEU A 116 17.41 -18.88 30.78
C LEU A 116 16.14 -19.10 31.62
N VAL A 117 15.28 -20.00 31.16
CA VAL A 117 14.00 -20.25 31.84
C VAL A 117 14.18 -20.71 33.29
N GLU A 118 15.02 -21.71 33.49
CA GLU A 118 15.27 -22.28 34.83
C GLU A 118 15.80 -21.24 35.82
N ILE A 119 16.79 -20.45 35.38
CA ILE A 119 17.33 -19.37 36.20
C ILE A 119 16.22 -18.41 36.63
N LEU A 120 15.34 -18.08 35.70
CA LEU A 120 14.18 -17.24 36.00
C LEU A 120 13.14 -17.99 36.84
N GLU A 121 13.01 -19.29 36.60
CA GLU A 121 12.08 -20.14 37.36
C GLU A 121 12.42 -20.23 38.85
N ALA A 122 13.70 -20.10 39.17
CA ALA A 122 14.17 -20.13 40.55
C ALA A 122 13.91 -18.83 41.30
N LYS A 123 13.65 -17.76 40.55
CA LYS A 123 13.38 -16.44 41.14
C LYS A 123 11.89 -16.09 41.05
N ALA A 124 11.11 -16.98 40.45
CA ALA A 124 9.68 -16.73 40.21
C ALA A 124 8.83 -16.84 41.48
N ASP A 125 8.78 -15.75 42.24
CA ASP A 125 8.02 -15.71 43.49
C ASP A 125 6.91 -14.65 43.44
N GLY A 126 7.04 -13.72 42.50
CA GLY A 126 6.08 -12.62 42.37
C GLY A 126 6.44 -11.47 43.27
N GLN A 127 7.72 -11.34 43.59
CA GLN A 127 8.19 -10.33 44.54
C GLN A 127 9.65 -9.95 44.30
N THR A 128 10.38 -10.77 43.54
CA THR A 128 11.78 -10.51 43.25
C THR A 128 11.94 -9.87 41.87
N PRO A 129 12.37 -8.61 41.84
CA PRO A 129 12.62 -7.91 40.57
C PRO A 129 13.76 -8.55 39.78
N VAL A 130 13.51 -8.79 38.50
CA VAL A 130 14.53 -9.34 37.60
C VAL A 130 14.59 -8.49 36.34
N SER A 131 15.77 -7.96 36.06
CA SER A 131 16.01 -7.17 34.85
C SER A 131 15.97 -8.07 33.62
N MET A 132 14.87 -8.00 32.87
CA MET A 132 14.71 -8.82 31.68
C MET A 132 15.58 -8.35 30.53
N GLN A 133 15.95 -7.07 30.53
CA GLN A 133 16.86 -6.53 29.53
C GLN A 133 18.26 -7.14 29.67
N ASP A 134 18.72 -7.29 30.89
CA ASP A 134 20.01 -7.92 31.16
C ASP A 134 19.94 -9.42 30.88
N MET A 135 18.92 -10.08 31.44
CA MET A 135 18.75 -11.53 31.28
C MET A 135 18.68 -11.95 29.82
N LEU A 136 17.98 -11.17 29.00
CA LEU A 136 17.84 -11.47 27.57
C LEU A 136 19.12 -11.17 26.80
N THR A 137 19.83 -10.11 27.23
CA THR A 137 21.13 -9.77 26.64
C THR A 137 22.14 -10.91 26.81
N TYR A 138 22.25 -11.45 28.03
CA TYR A 138 23.14 -12.58 28.30
C TYR A 138 22.77 -13.79 27.47
N THR A 139 21.46 -14.06 27.38
CA THR A 139 20.94 -15.17 26.60
C THR A 139 21.32 -15.00 25.13
N ALA A 140 21.07 -13.80 24.60
CA ALA A 140 21.41 -13.48 23.22
C ALA A 140 22.92 -13.56 22.98
N MET A 141 23.68 -13.16 24.00
CA MET A 141 25.14 -13.22 23.92
C MET A 141 25.65 -14.66 23.89
N ASP A 142 25.11 -15.50 24.77
CA ASP A 142 25.49 -16.91 24.85
C ASP A 142 25.16 -17.67 23.55
N ILE A 143 23.98 -17.39 23.00
CA ILE A 143 23.55 -18.02 21.74
C ILE A 143 24.52 -17.72 20.61
N LEU A 144 24.90 -16.45 20.47
CA LEU A 144 25.79 -16.02 19.40
C LEU A 144 27.20 -16.61 19.56
N ALA A 145 27.80 -16.42 20.72
CA ALA A 145 29.18 -16.85 20.97
C ALA A 145 29.42 -18.32 20.59
N LYS A 146 28.46 -19.19 20.88
CA LYS A 146 28.56 -20.60 20.52
C LYS A 146 28.23 -20.86 19.05
N ALA A 147 27.08 -20.39 18.60
CA ALA A 147 26.64 -20.59 17.22
C ALA A 147 27.63 -20.06 16.20
N ALA A 148 28.29 -18.96 16.54
CA ALA A 148 29.23 -18.31 15.62
C ALA A 148 30.69 -18.74 15.80
N PHE A 149 31.11 -18.93 17.06
CA PHE A 149 32.52 -19.15 17.36
C PHE A 149 32.84 -20.45 18.11
N GLY A 150 31.81 -21.15 18.56
CA GLY A 150 31.99 -22.39 19.30
C GLY A 150 32.48 -22.15 20.72
N MET A 151 32.36 -20.91 21.18
CA MET A 151 32.80 -20.53 22.51
C MET A 151 31.61 -20.35 23.44
N GLU A 152 31.78 -20.74 24.70
CA GLU A 152 30.75 -20.54 25.71
C GLU A 152 31.17 -19.39 26.61
N THR A 153 30.33 -18.37 26.70
CA THR A 153 30.58 -17.23 27.58
C THR A 153 29.80 -17.39 28.89
N SER A 154 28.69 -18.12 28.82
CA SER A 154 27.86 -18.42 29.99
C SER A 154 27.63 -17.21 30.92
N MET A 155 27.28 -16.08 30.32
CA MET A 155 26.96 -14.87 31.07
C MET A 155 25.71 -15.07 31.93
N LEU A 156 24.82 -15.94 31.46
CA LEU A 156 23.63 -16.32 32.22
C LEU A 156 23.96 -16.97 33.56
N LEU A 157 25.07 -17.70 33.60
CA LEU A 157 25.53 -18.34 34.83
C LEU A 157 26.40 -17.41 35.68
N GLY A 158 26.51 -16.15 35.25
CA GLY A 158 27.24 -15.12 36.00
C GLY A 158 28.70 -14.99 35.63
N ALA A 159 29.09 -15.57 34.49
CA ALA A 159 30.47 -15.53 34.05
C ALA A 159 30.76 -14.36 33.10
N GLN A 160 32.05 -14.15 32.81
CA GLN A 160 32.49 -13.12 31.86
C GLN A 160 31.93 -11.72 32.15
N LYS A 161 32.03 -11.30 33.41
CA LYS A 161 31.55 -9.99 33.83
C LYS A 161 32.29 -8.79 33.19
N PRO A 162 33.63 -8.87 33.09
CA PRO A 162 34.40 -7.82 32.42
C PRO A 162 34.08 -7.68 30.93
N LEU A 163 33.82 -8.81 30.27
CA LEU A 163 33.49 -8.81 28.85
C LEU A 163 32.16 -8.10 28.56
N SER A 164 31.16 -8.34 29.40
CA SER A 164 29.84 -7.72 29.23
C SER A 164 29.89 -6.21 29.49
N GLN A 165 30.65 -5.82 30.50
CA GLN A 165 30.88 -4.40 30.82
C GLN A 165 31.47 -3.67 29.61
N ALA A 166 32.49 -4.28 28.99
CA ALA A 166 33.14 -3.72 27.81
C ALA A 166 32.15 -3.52 26.65
N VAL A 167 31.26 -4.50 26.47
CA VAL A 167 30.21 -4.41 25.44
C VAL A 167 29.30 -3.21 25.72
N LYS A 168 28.87 -3.06 26.96
CA LYS A 168 28.05 -1.91 27.37
C LYS A 168 28.75 -0.59 27.05
N LEU A 169 29.97 -0.44 27.55
CA LEU A 169 30.74 0.80 27.38
C LEU A 169 30.98 1.16 25.92
N MET A 170 31.30 0.16 25.11
CA MET A 170 31.46 0.33 23.66
C MET A 170 30.19 0.94 23.05
N LEU A 171 29.04 0.38 23.40
CA LEU A 171 27.75 0.84 22.88
C LEU A 171 27.38 2.24 23.37
N GLU A 172 27.83 2.59 24.56
CA GLU A 172 27.66 3.94 25.08
C GLU A 172 28.62 4.90 24.37
N GLY A 173 29.78 4.38 24.01
CA GLY A 173 30.76 5.13 23.22
C GLY A 173 30.23 5.40 21.82
N ILE A 174 29.52 4.43 21.27
CA ILE A 174 28.83 4.61 19.98
C ILE A 174 27.81 5.73 20.11
N THR A 175 27.03 5.71 21.20
CA THR A 175 25.99 6.70 21.46
C THR A 175 26.57 8.12 21.62
N ALA A 176 27.76 8.22 22.18
CA ALA A 176 28.41 9.51 22.38
C ALA A 176 29.13 10.02 21.13
N SER A 177 29.51 9.10 20.25
CA SER A 177 30.24 9.44 19.03
C SER A 177 29.34 10.06 17.96
N ARG A 178 28.20 9.43 17.70
CA ARG A 178 27.31 9.86 16.63
C ARG A 178 26.26 10.89 17.07
N ASN A 179 25.94 10.91 18.36
CA ASN A 179 24.96 11.86 18.89
C ASN A 179 25.60 12.98 19.73
N THR A 180 26.36 13.85 19.06
CA THR A 180 27.02 14.97 19.71
C THR A 180 26.50 16.29 19.13
N LYS A 188 33.46 12.30 31.36
CA LYS A 188 33.83 12.88 30.08
C LYS A 188 35.20 12.40 29.60
N ARG A 189 36.17 12.36 30.51
CA ARG A 189 37.51 11.88 30.19
C ARG A 189 37.75 10.46 30.72
N LYS A 190 37.13 10.15 31.85
CA LYS A 190 37.18 8.79 32.41
C LYS A 190 36.40 7.84 31.51
N GLN A 191 35.29 8.33 30.97
CA GLN A 191 34.48 7.56 30.02
C GLN A 191 35.27 7.29 28.74
N LEU A 192 35.94 8.31 28.23
CA LEU A 192 36.75 8.20 27.02
C LEU A 192 37.85 7.16 27.22
N ARG A 193 38.46 7.18 28.40
CA ARG A 193 39.47 6.20 28.77
C ARG A 193 38.87 4.79 28.88
N GLU A 194 37.66 4.73 29.41
CA GLU A 194 36.96 3.45 29.63
C GLU A 194 36.50 2.83 28.31
N VAL A 195 36.13 3.68 27.35
CA VAL A 195 35.66 3.22 26.04
C VAL A 195 36.81 2.68 25.19
N ARG A 196 37.91 3.43 25.14
CA ARG A 196 39.09 3.02 24.36
C ARG A 196 39.63 1.65 24.77
N GLU A 197 39.63 1.39 26.08
CA GLU A 197 40.03 0.09 26.61
C GLU A 197 39.07 -1.03 26.19
N SER A 198 37.77 -0.71 26.20
CA SER A 198 36.73 -1.68 25.88
C SER A 198 36.79 -2.18 24.44
N ILE A 199 37.11 -1.28 23.52
CA ILE A 199 37.23 -1.62 22.10
C ILE A 199 38.45 -2.51 21.86
N ARG A 200 39.52 -2.27 22.61
CA ARG A 200 40.71 -3.12 22.57
C ARG A 200 40.38 -4.50 23.14
N PHE A 201 39.60 -4.52 24.22
CA PHE A 201 39.22 -5.77 24.89
C PHE A 201 38.44 -6.69 23.95
N LEU A 202 37.47 -6.11 23.23
CA LEU A 202 36.65 -6.85 22.28
C LEU A 202 37.49 -7.48 21.17
N ARG A 203 38.41 -6.67 20.62
CA ARG A 203 39.31 -7.14 19.56
C ARG A 203 40.35 -8.13 20.08
N GLN A 204 40.74 -7.98 21.35
CA GLN A 204 41.66 -8.92 21.98
C GLN A 204 41.00 -10.28 22.19
N VAL A 205 39.73 -10.25 22.60
CA VAL A 205 38.93 -11.47 22.70
C VAL A 205 38.86 -12.14 21.34
N GLY A 206 38.64 -11.34 20.30
CA GLY A 206 38.63 -11.81 18.92
C GLY A 206 39.91 -12.55 18.57
N ARG A 207 41.05 -11.88 18.75
CA ARG A 207 42.36 -12.50 18.50
C ARG A 207 42.51 -13.83 19.22
N ASP A 208 42.11 -13.87 20.49
CA ASP A 208 42.17 -15.09 21.30
C ASP A 208 41.28 -16.21 20.75
N TRP A 209 40.07 -15.84 20.33
CA TRP A 209 39.11 -16.80 19.80
C TRP A 209 39.48 -17.25 18.38
N VAL A 210 40.20 -16.39 17.66
CA VAL A 210 40.75 -16.74 16.36
C VAL A 210 41.92 -17.71 16.53
N GLN A 211 42.72 -17.49 17.57
CA GLN A 211 43.87 -18.36 17.85
C GLN A 211 43.45 -19.75 18.34
N ARG A 212 42.37 -19.81 19.09
CA ARG A 212 41.82 -21.08 19.58
C ARG A 212 41.34 -21.97 18.44
N ARG A 213 40.73 -21.36 17.43
CA ARG A 213 40.25 -22.09 16.26
C ARG A 213 41.40 -22.52 15.36
N ARG A 214 42.42 -21.65 15.26
CA ARG A 214 43.61 -21.95 14.45
C ARG A 214 44.47 -23.05 15.09
N GLU A 215 44.57 -23.02 16.41
CA GLU A 215 45.26 -24.07 17.16
C GLU A 215 44.51 -25.39 17.10
N ALA A 216 43.17 -25.32 17.04
CA ALA A 216 42.34 -26.51 16.88
C ALA A 216 42.49 -27.12 15.48
N LEU A 217 42.60 -26.26 14.48
CA LEU A 217 42.85 -26.69 13.11
C LEU A 217 44.26 -27.26 12.93
N LYS A 218 45.23 -26.62 13.58
CA LYS A 218 46.63 -27.07 13.53
C LYS A 218 46.85 -28.44 14.17
N ARG A 219 46.15 -28.70 15.28
CA ARG A 219 46.30 -29.96 16.00
C ARG A 219 45.47 -31.11 15.39
N GLY A 220 44.93 -30.87 14.20
CA GLY A 220 44.25 -31.92 13.44
C GLY A 220 42.74 -32.01 13.61
N GLU A 221 42.23 -31.41 14.68
CA GLU A 221 40.82 -31.49 15.03
C GLU A 221 39.88 -30.97 13.94
N GLU A 222 38.74 -31.63 13.78
CA GLU A 222 37.69 -31.16 12.88
C GLU A 222 36.66 -30.32 13.65
N VAL A 223 36.37 -29.14 13.12
CA VAL A 223 35.42 -28.22 13.77
C VAL A 223 34.17 -27.99 12.91
N PRO A 224 32.99 -28.02 13.54
CA PRO A 224 31.72 -27.79 12.84
C PRO A 224 31.68 -26.45 12.10
N ALA A 225 31.15 -26.46 10.88
CA ALA A 225 31.07 -25.26 10.05
C ALA A 225 30.14 -24.21 10.64
N ASP A 226 30.58 -22.96 10.64
CA ASP A 226 29.82 -21.86 11.26
C ASP A 226 30.23 -20.49 10.70
N ILE A 227 29.86 -19.42 11.42
CA ILE A 227 30.19 -18.06 11.02
C ILE A 227 31.70 -17.79 11.03
N LEU A 228 32.37 -18.23 12.10
CA LEU A 228 33.82 -18.05 12.23
C LEU A 228 34.58 -18.68 11.07
N THR A 229 34.07 -19.80 10.58
CA THR A 229 34.70 -20.52 9.47
C THR A 229 34.75 -19.67 8.20
N GLN A 230 33.68 -18.93 7.93
CA GLN A 230 33.57 -18.14 6.71
C GLN A 230 34.28 -16.78 6.78
N ILE A 231 34.35 -16.20 7.97
CA ILE A 231 35.07 -14.93 8.15
C ILE A 231 36.59 -15.13 8.19
N LEU A 232 37.01 -16.38 8.42
CA LEU A 232 38.41 -16.76 8.25
C LEU A 232 38.68 -17.08 6.78
N LYS A 233 37.70 -17.71 6.13
CA LYS A 233 37.80 -18.05 4.71
C LYS A 233 37.80 -16.82 3.81
N ALA A 234 37.04 -15.80 4.20
CA ALA A 234 36.95 -14.57 3.42
C ALA A 234 38.27 -13.80 3.39
N GLU A 235 39.02 -13.90 4.47
CA GLU A 235 40.31 -13.21 4.59
C GLU A 235 41.49 -14.15 4.35
N GLU A 236 41.33 -15.11 3.45
CA GLU A 236 42.40 -16.06 3.12
C GLU A 236 43.45 -15.42 2.22
N GLY A 237 44.71 -15.51 2.65
CA GLY A 237 45.83 -14.89 1.92
C GLY A 237 45.98 -13.41 2.20
N ALA A 238 45.43 -12.96 3.34
CA ALA A 238 45.54 -11.56 3.75
C ALA A 238 46.78 -11.34 4.62
N GLN A 239 47.35 -10.14 4.54
CA GLN A 239 48.59 -9.82 5.24
C GLN A 239 48.46 -9.77 6.77
N ASP A 240 47.28 -9.39 7.26
CA ASP A 240 47.02 -9.35 8.69
C ASP A 240 45.57 -9.69 9.04
N ASP A 241 45.31 -9.91 10.33
CA ASP A 241 43.99 -10.31 10.81
C ASP A 241 43.06 -9.13 11.12
N GLU A 242 43.48 -7.92 10.74
CA GLU A 242 42.71 -6.71 11.03
C GLU A 242 41.31 -6.72 10.44
N GLY A 243 41.18 -7.20 9.20
CA GLY A 243 39.87 -7.35 8.55
C GLY A 243 39.03 -8.42 9.20
N LEU A 244 39.67 -9.49 9.66
CA LEU A 244 39.00 -10.58 10.35
C LEU A 244 38.45 -10.17 11.72
N LEU A 245 39.19 -9.31 12.42
CA LEU A 245 38.72 -8.76 13.70
C LEU A 245 37.53 -7.82 13.50
N ASP A 246 37.57 -7.04 12.42
CA ASP A 246 36.45 -6.19 12.04
C ASP A 246 35.19 -7.01 11.89
N ASN A 247 35.28 -8.10 11.12
CA ASN A 247 34.17 -9.04 10.95
C ASN A 247 33.82 -9.82 12.22
N PHE A 248 34.80 -10.05 13.07
CA PHE A 248 34.54 -10.67 14.38
C PHE A 248 33.70 -9.73 15.24
N VAL A 249 34.16 -8.49 15.37
CA VAL A 249 33.42 -7.45 16.09
C VAL A 249 32.03 -7.32 15.46
N THR A 250 31.99 -7.23 14.14
CA THR A 250 30.72 -7.14 13.38
C THR A 250 29.67 -8.14 13.87
N PHE A 251 30.07 -9.41 14.01
CA PHE A 251 29.14 -10.48 14.34
C PHE A 251 28.90 -10.68 15.85
N PHE A 252 29.95 -10.45 16.64
CA PHE A 252 29.82 -10.47 18.09
C PHE A 252 28.75 -9.47 18.55
N ILE A 253 28.68 -8.32 17.88
CA ILE A 253 27.72 -7.29 18.24
C ILE A 253 26.37 -7.51 17.54
N ALA A 254 26.41 -7.57 16.21
CA ALA A 254 25.19 -7.69 15.41
C ALA A 254 24.39 -8.97 15.70
N GLY A 255 25.09 -10.01 16.12
CA GLY A 255 24.47 -11.30 16.38
C GLY A 255 23.88 -11.50 17.76
N HIS A 256 23.93 -10.44 18.57
CA HIS A 256 23.32 -10.48 19.90
C HIS A 256 22.51 -9.23 20.26
N GLU A 257 23.03 -8.06 19.90
CA GLU A 257 22.46 -6.78 20.36
C GLU A 257 21.00 -6.54 19.97
N THR A 258 20.74 -6.46 18.67
CA THR A 258 19.39 -6.15 18.17
C THR A 258 18.41 -7.27 18.51
N SER A 259 18.90 -8.50 18.61
CA SER A 259 18.09 -9.64 19.01
C SER A 259 17.73 -9.54 20.48
N ALA A 260 18.65 -9.02 21.28
CA ALA A 260 18.39 -8.79 22.69
C ALA A 260 17.37 -7.67 22.92
N ASN A 261 17.50 -6.58 22.15
CA ASN A 261 16.57 -5.46 22.26
C ASN A 261 15.16 -5.83 21.77
N HIS A 262 15.10 -6.52 20.64
CA HIS A 262 13.83 -7.00 20.10
C HIS A 262 13.09 -7.87 21.11
N LEU A 263 13.81 -8.82 21.71
CA LEU A 263 13.26 -9.64 22.79
C LEU A 263 12.78 -8.79 23.96
N ALA A 264 13.60 -7.83 24.37
CA ALA A 264 13.26 -6.94 25.49
C ALA A 264 12.03 -6.08 25.22
N PHE A 265 11.92 -5.56 24.00
CA PHE A 265 10.73 -4.82 23.56
C PHE A 265 9.47 -5.67 23.65
N THR A 266 9.55 -6.90 23.15
CA THR A 266 8.40 -7.80 23.10
C THR A 266 7.91 -8.16 24.49
N VAL A 267 8.83 -8.57 25.36
CA VAL A 267 8.50 -8.94 26.74
C VAL A 267 7.85 -7.76 27.47
N MET A 268 8.38 -6.57 27.26
CA MET A 268 7.86 -5.35 27.87
C MET A 268 6.42 -5.05 27.43
N GLU A 269 6.16 -5.15 26.13
CA GLU A 269 4.84 -4.85 25.58
C GLU A 269 3.81 -5.92 25.98
N LEU A 270 4.24 -7.18 26.01
CA LEU A 270 3.35 -8.29 26.36
C LEU A 270 2.91 -8.30 27.83
N SER A 271 3.50 -7.41 28.63
CA SER A 271 3.09 -7.23 30.02
C SER A 271 1.77 -6.47 30.14
N ARG A 272 1.39 -5.78 29.07
CA ARG A 272 0.13 -5.03 29.04
C ARG A 272 -0.83 -5.53 27.96
N GLN A 273 -0.56 -6.72 27.43
CA GLN A 273 -1.42 -7.33 26.42
C GLN A 273 -1.92 -8.71 26.86
N PRO A 274 -2.85 -8.74 27.82
CA PRO A 274 -3.32 -10.00 28.39
C PRO A 274 -4.00 -10.95 27.39
N GLU A 275 -4.89 -10.41 26.57
CA GLU A 275 -5.61 -11.23 25.57
C GLU A 275 -4.64 -11.90 24.61
N ILE A 276 -3.60 -11.16 24.22
CA ILE A 276 -2.60 -11.65 23.28
C ILE A 276 -1.76 -12.79 23.89
N VAL A 277 -1.39 -12.65 25.17
CA VAL A 277 -0.62 -13.67 25.88
C VAL A 277 -1.32 -15.05 25.90
N ALA A 278 -2.63 -15.04 26.10
CA ALA A 278 -3.41 -16.28 26.17
C ALA A 278 -3.41 -17.11 24.88
N ARG A 279 -3.51 -16.42 23.75
CA ARG A 279 -3.51 -17.11 22.44
C ARG A 279 -2.10 -17.54 22.07
N LEU A 280 -1.11 -16.83 22.58
CA LEU A 280 0.29 -17.22 22.45
C LEU A 280 0.52 -18.52 23.22
N GLN A 281 0.02 -18.56 24.45
CA GLN A 281 0.10 -19.76 25.29
C GLN A 281 -0.63 -20.93 24.65
N ALA A 282 -1.85 -20.69 24.17
CA ALA A 282 -2.65 -21.72 23.51
C ALA A 282 -1.93 -22.34 22.32
N GLU A 283 -1.31 -21.50 21.50
CA GLU A 283 -0.50 -21.97 20.39
C GLU A 283 0.69 -22.77 20.90
N VAL A 284 1.40 -22.22 21.88
CA VAL A 284 2.52 -22.90 22.52
C VAL A 284 2.11 -24.26 23.09
N ASP A 285 0.90 -24.32 23.67
CA ASP A 285 0.32 -25.58 24.11
C ASP A 285 -0.01 -26.50 22.93
N GLU A 286 -0.43 -25.90 21.81
CA GLU A 286 -0.86 -26.67 20.62
C GLU A 286 0.27 -27.32 19.82
N VAL A 287 1.36 -26.59 19.59
CA VAL A 287 2.44 -27.08 18.72
C VAL A 287 3.66 -27.68 19.45
N ILE A 288 4.05 -27.06 20.56
CA ILE A 288 5.23 -27.53 21.30
C ILE A 288 4.87 -28.27 22.59
N GLY A 289 3.63 -28.10 23.04
CA GLY A 289 3.15 -28.76 24.26
C GLY A 289 4.05 -28.49 25.46
N SER A 290 4.47 -29.56 26.13
CA SER A 290 5.38 -29.45 27.27
C SER A 290 6.78 -29.96 26.91
N LYS A 291 6.96 -30.28 25.63
CA LYS A 291 8.25 -30.77 25.12
C LYS A 291 9.38 -29.77 25.40
N ARG A 292 10.53 -30.30 25.80
CA ARG A 292 11.67 -29.47 26.19
C ARG A 292 12.43 -28.94 24.96
N TYR A 293 12.73 -29.84 24.02
CA TYR A 293 13.46 -29.48 22.81
C TYR A 293 12.48 -29.11 21.70
N LEU A 294 12.64 -27.90 21.17
CA LEU A 294 11.82 -27.44 20.05
C LEU A 294 12.51 -27.76 18.74
N ASP A 295 11.81 -28.48 17.87
CA ASP A 295 12.36 -28.86 16.56
C ASP A 295 12.22 -27.72 15.55
N PHE A 296 12.96 -27.81 14.45
CA PHE A 296 12.93 -26.80 13.39
C PHE A 296 11.56 -26.71 12.71
N GLU A 297 10.92 -27.87 12.51
CA GLU A 297 9.61 -27.91 11.85
C GLU A 297 8.48 -27.28 12.69
N ASP A 298 8.69 -27.26 14.00
CA ASP A 298 7.72 -26.65 14.93
C ASP A 298 7.69 -25.12 14.86
N LEU A 299 8.83 -24.52 14.52
CA LEU A 299 8.95 -23.06 14.47
C LEU A 299 7.97 -22.44 13.47
N GLY A 300 7.88 -23.05 12.29
CA GLY A 300 6.97 -22.57 11.24
C GLY A 300 5.50 -22.72 11.58
N ARG A 301 5.20 -23.49 12.62
CA ARG A 301 3.82 -23.70 13.06
C ARG A 301 3.39 -22.66 14.08
N LEU A 302 4.37 -21.94 14.64
CA LEU A 302 4.09 -20.86 15.56
C LEU A 302 3.78 -19.59 14.78
N GLN A 303 2.63 -19.60 14.10
CA GLN A 303 2.23 -18.50 13.22
C GLN A 303 1.84 -17.23 13.96
N TYR A 304 1.13 -17.39 15.09
CA TYR A 304 0.70 -16.22 15.87
C TYR A 304 1.85 -15.54 16.60
N LEU A 305 2.77 -16.33 17.14
CA LEU A 305 3.99 -15.81 17.72
C LEU A 305 4.73 -15.00 16.66
N SER A 306 4.89 -15.58 15.48
CA SER A 306 5.52 -14.92 14.33
C SER A 306 4.86 -13.56 14.04
N GLN A 307 3.54 -13.51 14.15
CA GLN A 307 2.78 -12.28 13.94
C GLN A 307 3.01 -11.26 15.05
N VAL A 308 3.06 -11.73 16.30
CA VAL A 308 3.29 -10.86 17.46
C VAL A 308 4.68 -10.23 17.40
N LEU A 309 5.66 -11.01 16.96
CA LEU A 309 7.02 -10.52 16.82
C LEU A 309 7.16 -9.53 15.66
N LYS A 310 6.35 -9.74 14.61
CA LYS A 310 6.29 -8.82 13.48
C LYS A 310 5.77 -7.44 13.87
N GLU A 311 4.70 -7.42 14.66
CA GLU A 311 4.12 -6.17 15.14
C GLU A 311 5.06 -5.46 16.10
N SER A 312 5.78 -6.24 16.91
CA SER A 312 6.77 -5.71 17.83
C SER A 312 7.88 -4.97 17.07
N LEU A 313 8.24 -5.49 15.90
CA LEU A 313 9.30 -4.89 15.08
C LEU A 313 8.82 -3.69 14.26
N ARG A 314 7.51 -3.57 14.08
CA ARG A 314 6.93 -2.41 13.39
C ARG A 314 7.04 -1.18 14.28
N LEU A 315 6.64 -1.33 15.54
CA LEU A 315 6.66 -0.24 16.50
C LEU A 315 8.01 -0.05 17.17
N TYR A 316 8.80 -1.13 17.26
CA TYR A 316 10.08 -1.07 17.93
C TYR A 316 11.22 -1.77 17.17
N PRO A 317 11.58 -1.26 15.98
CA PRO A 317 12.73 -1.81 15.27
C PRO A 317 14.02 -1.35 15.94
N PRO A 318 14.83 -2.30 16.43
CA PRO A 318 16.10 -1.98 17.07
C PRO A 318 17.03 -1.26 16.09
N ALA A 319 16.97 -1.66 14.82
CA ALA A 319 17.68 -0.96 13.76
C ALA A 319 16.65 -0.18 12.96
N TRP A 320 16.60 1.13 13.19
CA TRP A 320 15.54 1.98 12.62
C TRP A 320 15.52 2.11 11.10
N GLY A 321 16.66 1.84 10.46
CA GLY A 321 16.74 1.90 9.00
C GLY A 321 18.14 1.88 8.42
N THR A 322 18.32 2.58 7.30
CA THR A 322 19.55 2.52 6.53
C THR A 322 19.81 3.77 5.68
N PHE A 323 21.05 3.93 5.21
CA PHE A 323 21.44 5.07 4.38
C PHE A 323 21.94 4.64 3.01
N ARG A 324 21.38 5.26 1.97
CA ARG A 324 21.89 5.09 0.61
C ARG A 324 22.48 6.42 0.12
N LEU A 325 23.47 6.34 -0.77
CA LEU A 325 24.06 7.53 -1.36
C LEU A 325 23.36 7.89 -2.65
N LEU A 326 22.83 9.10 -2.73
CA LEU A 326 22.33 9.64 -3.99
C LEU A 326 23.48 10.37 -4.67
N GLU A 327 24.05 9.72 -5.69
CA GLU A 327 25.24 10.24 -6.36
C GLU A 327 24.94 11.41 -7.30
N GLU A 328 23.90 11.26 -8.11
CA GLU A 328 23.49 12.33 -9.04
C GLU A 328 22.19 13.01 -8.61
N GLU A 329 22.12 14.32 -8.81
CA GLU A 329 20.93 15.10 -8.50
C GLU A 329 19.72 14.56 -9.27
N THR A 330 18.73 14.07 -8.52
CA THR A 330 17.53 13.48 -9.12
C THR A 330 16.26 13.95 -8.38
N LEU A 331 15.13 13.85 -9.07
CA LEU A 331 13.84 14.24 -8.51
C LEU A 331 13.17 13.06 -7.82
N ILE A 332 12.80 13.23 -6.56
CA ILE A 332 12.04 12.23 -5.82
C ILE A 332 10.72 12.85 -5.34
N ASP A 333 9.60 12.27 -5.79
CA ASP A 333 8.26 12.75 -5.43
C ASP A 333 8.08 14.26 -5.64
N GLY A 334 8.55 14.75 -6.78
CA GLY A 334 8.41 16.17 -7.13
C GLY A 334 9.46 17.09 -6.53
N VAL A 335 10.26 16.55 -5.61
CA VAL A 335 11.32 17.33 -4.96
C VAL A 335 12.68 16.91 -5.51
N ARG A 336 13.44 17.89 -5.99
CA ARG A 336 14.76 17.64 -6.55
C ARG A 336 15.83 17.67 -5.46
N VAL A 337 16.59 16.59 -5.36
CA VAL A 337 17.61 16.44 -4.32
C VAL A 337 18.99 16.46 -4.98
N PRO A 338 19.92 17.27 -4.45
CA PRO A 338 21.27 17.38 -5.00
C PRO A 338 22.10 16.10 -4.89
N GLY A 339 23.14 16.00 -5.71
CA GLY A 339 24.04 14.85 -5.69
C GLY A 339 24.94 14.84 -4.46
N ASN A 340 25.58 13.69 -4.21
CA ASN A 340 26.44 13.51 -3.03
C ASN A 340 25.66 13.68 -1.72
N THR A 341 24.38 13.26 -1.74
CA THR A 341 23.51 13.40 -0.59
C THR A 341 23.06 12.02 -0.08
N PRO A 342 23.17 11.81 1.23
CA PRO A 342 22.69 10.58 1.86
C PRO A 342 21.16 10.52 1.97
N LEU A 343 20.57 9.44 1.47
CA LEU A 343 19.15 9.20 1.64
C LEU A 343 18.92 8.39 2.90
N LEU A 344 18.07 8.91 3.79
CA LEU A 344 17.73 8.23 5.03
C LEU A 344 16.41 7.49 4.86
N PHE A 345 16.40 6.21 5.23
CA PHE A 345 15.20 5.38 5.17
C PHE A 345 14.91 4.85 6.57
N SER A 346 13.66 4.97 7.00
CA SER A 346 13.28 4.61 8.37
C SER A 346 12.00 3.80 8.45
N THR A 347 12.12 2.54 8.85
CA THR A 347 10.97 1.67 9.06
C THR A 347 10.25 2.03 10.37
N TYR A 348 10.98 2.69 11.27
CA TYR A 348 10.40 3.24 12.48
C TYR A 348 9.39 4.33 12.11
N VAL A 349 9.80 5.25 11.26
CA VAL A 349 8.96 6.38 10.84
C VAL A 349 7.74 5.89 10.08
N MET A 350 7.94 4.99 9.13
CA MET A 350 6.85 4.47 8.29
C MET A 350 5.88 3.63 9.11
N GLY A 351 6.40 2.91 10.09
CA GLY A 351 5.57 2.10 10.99
C GLY A 351 4.57 2.90 11.81
N ARG A 352 4.89 4.18 12.05
CA ARG A 352 4.07 5.02 12.91
C ARG A 352 3.25 6.10 12.18
N MET A 353 3.29 6.08 10.84
CA MET A 353 2.51 7.01 10.02
C MET A 353 1.12 6.42 9.71
N ASP A 354 0.09 7.22 9.96
CA ASP A 354 -1.31 6.76 9.83
C ASP A 354 -1.76 6.55 8.38
N THR A 355 -0.92 6.95 7.43
CA THR A 355 -1.23 6.74 6.01
C THR A 355 -0.80 5.34 5.53
N TYR A 356 0.02 4.66 6.32
CA TYR A 356 0.46 3.30 5.98
C TYR A 356 -0.12 2.27 6.93
N PHE A 357 -0.30 2.66 8.20
CA PHE A 357 -0.81 1.76 9.21
C PHE A 357 -2.00 2.36 9.96
N GLU A 358 -3.14 1.68 9.87
CA GLU A 358 -4.36 2.11 10.53
C GLU A 358 -4.19 2.11 12.04
N ASP A 359 -4.42 3.26 12.66
CA ASP A 359 -4.24 3.45 14.10
C ASP A 359 -2.84 2.99 14.53
N PRO A 360 -1.81 3.75 14.10
CA PRO A 360 -0.42 3.29 14.15
C PRO A 360 0.11 2.89 15.53
N LEU A 361 -0.35 3.56 16.58
CA LEU A 361 0.17 3.34 17.93
C LEU A 361 -0.40 2.11 18.66
N THR A 362 -1.35 1.44 18.03
CA THR A 362 -1.97 0.26 18.62
C THR A 362 -1.17 -1.00 18.29
N PHE A 363 -0.80 -1.74 19.33
CA PHE A 363 -0.14 -3.02 19.16
C PHE A 363 -1.18 -4.05 18.75
N ASN A 364 -1.25 -4.31 17.45
CA ASN A 364 -2.24 -5.24 16.90
C ASN A 364 -1.59 -6.28 15.99
N PRO A 365 -1.32 -7.48 16.54
CA PRO A 365 -0.70 -8.56 15.78
C PRO A 365 -1.50 -9.03 14.56
N ASP A 366 -2.80 -8.74 14.55
CA ASP A 366 -3.69 -9.11 13.43
C ASP A 366 -3.27 -8.48 12.12
N ARG A 367 -2.55 -7.37 12.20
CA ARG A 367 -2.03 -6.68 11.01
C ARG A 367 -1.28 -7.60 10.07
N PHE A 368 -0.67 -8.64 10.62
CA PHE A 368 0.14 -9.57 9.85
C PHE A 368 -0.51 -10.95 9.76
N GLY A 369 -1.81 -11.02 10.05
CA GLY A 369 -2.56 -12.27 10.01
C GLY A 369 -2.71 -12.87 8.62
N PRO A 370 -3.35 -14.04 8.54
CA PRO A 370 -3.56 -14.72 7.26
C PRO A 370 -4.52 -13.94 6.37
N GLY A 371 -4.28 -13.97 5.07
CA GLY A 371 -5.13 -13.27 4.10
C GLY A 371 -5.00 -11.76 4.12
N ALA A 372 -4.34 -11.22 5.14
CA ALA A 372 -4.15 -9.78 5.26
C ALA A 372 -3.02 -9.31 4.37
N PRO A 373 -3.25 -8.24 3.61
CA PRO A 373 -2.24 -7.71 2.70
C PRO A 373 -0.97 -7.37 3.46
N LYS A 374 0.14 -7.98 3.04
CA LYS A 374 1.44 -7.69 3.63
C LYS A 374 1.80 -6.26 3.30
N PRO A 375 2.49 -5.58 4.23
CA PRO A 375 2.94 -4.21 4.01
C PRO A 375 3.76 -4.14 2.73
N ARG A 376 3.51 -3.12 1.92
CA ARG A 376 4.23 -2.96 0.66
C ARG A 376 5.23 -1.81 0.76
N PHE A 377 6.47 -2.16 1.08
CA PHE A 377 7.57 -1.18 1.22
C PHE A 377 7.33 -0.12 2.29
N THR A 378 6.62 -0.50 3.35
CA THR A 378 6.30 0.39 4.46
C THR A 378 6.77 -0.22 5.78
N TYR A 379 7.50 -1.32 5.70
CA TYR A 379 7.89 -2.10 6.86
C TYR A 379 9.12 -2.93 6.53
N PHE A 380 10.26 -2.55 7.10
CA PHE A 380 11.53 -3.22 6.79
C PHE A 380 12.51 -3.29 7.97
N PRO A 381 12.12 -3.98 9.04
CA PRO A 381 12.96 -4.08 10.25
C PRO A 381 14.31 -4.72 9.99
N PHE A 382 14.38 -5.59 8.99
CA PHE A 382 15.63 -6.22 8.58
C PHE A 382 16.17 -5.61 7.29
N SER A 383 15.70 -4.42 6.96
CA SER A 383 16.04 -3.74 5.70
C SER A 383 15.54 -4.53 4.47
N LEU A 384 15.94 -4.10 3.27
CA LEU A 384 15.50 -4.73 2.02
C LEU A 384 16.61 -4.74 0.98
N GLY A 385 16.48 -5.62 -0.01
CA GLY A 385 17.43 -5.69 -1.11
C GLY A 385 18.71 -6.44 -0.78
N HIS A 386 19.78 -6.11 -1.49
CA HIS A 386 21.06 -6.82 -1.34
C HIS A 386 21.75 -6.55 0.00
N ARG A 387 21.47 -5.39 0.58
CA ARG A 387 22.08 -5.00 1.86
C ARG A 387 21.19 -5.32 3.06
N SER A 388 20.18 -6.16 2.85
CA SER A 388 19.29 -6.59 3.93
C SER A 388 20.02 -7.50 4.92
N CYS A 389 19.36 -7.79 6.04
CA CYS A 389 19.97 -8.54 7.13
C CYS A 389 20.24 -9.99 6.75
N ILE A 390 21.51 -10.36 6.75
CA ILE A 390 21.92 -11.74 6.48
C ILE A 390 21.48 -12.65 7.63
N GLY A 391 21.35 -12.08 8.82
CA GLY A 391 21.00 -12.85 10.01
C GLY A 391 19.52 -12.86 10.35
N GLN A 392 18.69 -12.42 9.42
CA GLN A 392 17.23 -12.36 9.63
C GLN A 392 16.68 -13.69 10.13
N GLN A 393 16.93 -14.76 9.38
CA GLN A 393 16.46 -16.11 9.75
C GLN A 393 17.06 -16.57 11.08
N PHE A 394 18.36 -16.34 11.26
CA PHE A 394 19.04 -16.65 12.53
C PHE A 394 18.30 -16.01 13.70
N ALA A 395 17.97 -14.73 13.57
CA ALA A 395 17.28 -13.98 14.63
C ALA A 395 15.85 -14.49 14.83
N GLN A 396 15.09 -14.57 13.75
CA GLN A 396 13.72 -15.06 13.79
C GLN A 396 13.61 -16.45 14.42
N MET A 397 14.61 -17.30 14.17
CA MET A 397 14.67 -18.63 14.79
C MET A 397 14.94 -18.54 16.29
N GLU A 398 15.96 -17.77 16.66
CA GLU A 398 16.34 -17.65 18.08
C GLU A 398 15.27 -16.98 18.94
N VAL A 399 14.58 -16.00 18.37
CA VAL A 399 13.57 -15.24 19.13
C VAL A 399 12.26 -16.02 19.28
N LYS A 400 11.98 -16.88 18.31
CA LYS A 400 10.85 -17.82 18.43
C LYS A 400 11.15 -18.82 19.53
N VAL A 401 12.35 -19.41 19.48
CA VAL A 401 12.77 -20.41 20.47
C VAL A 401 12.77 -19.84 21.90
N VAL A 402 13.38 -18.66 22.07
CA VAL A 402 13.42 -18.00 23.37
C VAL A 402 12.02 -17.66 23.88
N MET A 403 11.23 -16.99 23.04
CA MET A 403 9.87 -16.56 23.43
C MET A 403 8.92 -17.73 23.69
N ALA A 404 9.01 -18.77 22.86
CA ALA A 404 8.16 -19.95 23.01
C ALA A 404 8.36 -20.62 24.37
N LYS A 405 9.62 -20.73 24.80
CA LYS A 405 9.93 -21.35 26.09
C LYS A 405 9.43 -20.53 27.27
N LEU A 406 9.56 -19.20 27.18
CA LEU A 406 9.04 -18.29 28.21
C LEU A 406 7.52 -18.42 28.31
N LEU A 407 6.86 -18.56 27.17
CA LEU A 407 5.41 -18.70 27.12
C LEU A 407 4.95 -20.06 27.65
N GLN A 408 5.78 -21.08 27.45
CA GLN A 408 5.54 -22.43 28.00
C GLN A 408 5.52 -22.44 29.52
N ARG A 409 6.44 -21.70 30.14
CA ARG A 409 6.81 -21.93 31.53
C ARG A 409 6.53 -20.80 32.52
N LEU A 410 6.51 -19.55 32.03
CA LEU A 410 6.48 -18.39 32.93
C LEU A 410 5.46 -17.32 32.58
N GLU A 411 4.91 -16.70 33.63
CA GLU A 411 4.05 -15.54 33.48
C GLU A 411 4.74 -14.32 34.08
N PHE A 412 4.69 -13.21 33.37
CA PHE A 412 5.41 -12.01 33.76
C PHE A 412 4.49 -10.87 34.17
N ARG A 413 4.84 -10.21 35.28
CA ARG A 413 4.14 -9.00 35.70
C ARG A 413 5.18 -7.90 35.83
N LEU A 414 4.94 -6.79 35.13
CA LEU A 414 5.88 -5.68 35.10
C LEU A 414 5.85 -4.90 36.41
N VAL A 415 7.05 -4.59 36.92
CA VAL A 415 7.19 -3.83 38.16
C VAL A 415 6.56 -2.44 38.02
N PRO A 416 5.66 -2.09 38.94
CA PRO A 416 5.08 -0.74 38.98
C PRO A 416 6.15 0.34 38.94
N GLY A 417 5.96 1.30 38.02
CA GLY A 417 6.92 2.39 37.86
C GLY A 417 7.74 2.30 36.58
N GLN A 418 7.74 1.12 35.96
CA GLN A 418 8.46 0.92 34.70
C GLN A 418 7.71 1.56 33.55
N ARG A 419 8.42 2.38 32.76
CA ARG A 419 7.82 3.08 31.62
C ARG A 419 7.79 2.19 30.36
N PHE A 420 7.12 2.68 29.33
CA PHE A 420 7.00 1.96 28.05
C PHE A 420 7.67 2.71 26.90
N GLY A 421 8.75 3.42 27.21
CA GLY A 421 9.42 4.27 26.23
C GLY A 421 10.59 3.66 25.49
N LEU A 422 11.13 4.43 24.55
CA LEU A 422 12.31 4.02 23.78
C LEU A 422 13.46 4.96 24.09
N GLN A 423 14.67 4.41 24.07
CA GLN A 423 15.88 5.22 24.10
C GLN A 423 16.66 5.00 22.81
N GLU A 424 16.94 6.10 22.11
CA GLU A 424 17.73 6.04 20.88
C GLU A 424 19.21 6.03 21.25
N GLN A 425 19.72 4.83 21.53
CA GLN A 425 21.10 4.65 21.92
C GLN A 425 21.87 4.20 20.67
N ALA A 426 22.77 3.23 20.84
CA ALA A 426 23.46 2.61 19.70
C ALA A 426 22.46 1.89 18.80
N THR A 427 21.39 1.38 19.42
CA THR A 427 20.22 0.91 18.69
C THR A 427 19.01 1.46 19.44
N LEU A 428 17.82 1.17 18.94
CA LEU A 428 16.60 1.47 19.67
C LEU A 428 16.36 0.36 20.69
N LYS A 429 16.19 0.75 21.95
CA LYS A 429 15.94 -0.21 23.03
C LYS A 429 15.02 0.38 24.11
N PRO A 430 14.41 -0.48 24.94
CA PRO A 430 13.51 -0.02 25.99
C PRO A 430 14.15 1.04 26.89
N LEU A 431 13.36 2.04 27.29
CA LEU A 431 13.83 3.09 28.19
C LEU A 431 14.24 2.47 29.53
N ASP A 432 13.30 1.78 30.17
CA ASP A 432 13.57 1.09 31.42
C ASP A 432 13.96 -0.37 31.16
N PRO A 433 14.80 -0.95 32.04
CA PRO A 433 15.38 -2.27 31.80
C PRO A 433 14.38 -3.43 31.93
N VAL A 434 13.10 -3.14 31.74
CA VAL A 434 12.03 -4.15 31.79
C VAL A 434 12.13 -5.00 33.06
N LEU A 435 11.91 -4.36 34.21
CA LEU A 435 11.93 -5.05 35.49
C LEU A 435 10.61 -5.77 35.72
N CYS A 436 10.69 -7.06 36.07
CA CYS A 436 9.50 -7.88 36.23
C CYS A 436 9.53 -8.77 37.48
N THR A 437 8.38 -8.96 38.10
CA THR A 437 8.20 -10.00 39.08
C THR A 437 7.71 -11.23 38.32
N LEU A 438 8.25 -12.39 38.67
CA LEU A 438 7.97 -13.62 37.92
C LEU A 438 7.11 -14.61 38.69
N ARG A 439 6.40 -15.45 37.95
CA ARG A 439 5.53 -16.47 38.52
C ARG A 439 5.34 -17.56 37.47
N PRO A 440 5.37 -18.83 37.90
CA PRO A 440 5.10 -19.95 37.00
C PRO A 440 3.69 -19.88 36.41
N ARG A 441 3.51 -20.46 35.23
CA ARG A 441 2.23 -20.37 34.52
C ARG A 441 1.13 -21.18 35.21
N VAL B 11 -16.52 -12.38 -19.88
CA VAL B 11 -16.01 -11.19 -19.11
C VAL B 11 -14.48 -11.19 -19.15
N LEU B 12 -13.93 -10.50 -20.15
CA LEU B 12 -12.48 -10.51 -20.40
C LEU B 12 -11.63 -10.00 -19.22
N GLN B 13 -12.16 -9.02 -18.49
CA GLN B 13 -11.48 -8.47 -17.32
C GLN B 13 -11.22 -9.53 -16.24
N ASP B 14 -12.12 -10.50 -16.12
CA ASP B 14 -11.94 -11.62 -15.21
C ASP B 14 -10.80 -12.53 -15.66
N VAL B 15 -10.68 -12.71 -16.97
CA VAL B 15 -9.59 -13.48 -17.57
C VAL B 15 -8.25 -12.78 -17.28
N PHE B 16 -8.26 -11.45 -17.40
CA PHE B 16 -7.08 -10.66 -17.09
C PHE B 16 -6.72 -10.71 -15.60
N LEU B 17 -7.76 -10.80 -14.76
CA LEU B 17 -7.57 -10.95 -13.31
C LEU B 17 -6.87 -12.27 -12.99
N ASP B 18 -7.35 -13.36 -13.59
CA ASP B 18 -6.74 -14.68 -13.41
C ASP B 18 -5.27 -14.66 -13.80
N TRP B 19 -5.00 -14.11 -14.98
CA TRP B 19 -3.63 -14.05 -15.52
C TRP B 19 -2.71 -13.09 -14.75
N ALA B 20 -3.30 -12.04 -14.18
CA ALA B 20 -2.54 -11.11 -13.34
C ALA B 20 -2.08 -11.77 -12.04
N LYS B 21 -2.98 -12.54 -11.42
CA LYS B 21 -2.65 -13.31 -10.22
C LYS B 21 -1.68 -14.43 -10.55
N LYS B 22 -1.88 -15.06 -11.71
CA LYS B 22 -1.11 -16.21 -12.14
C LYS B 22 0.28 -15.83 -12.70
N TYR B 23 0.30 -14.93 -13.67
CA TYR B 23 1.53 -14.59 -14.39
C TYR B 23 2.23 -13.30 -13.94
N GLY B 24 1.68 -12.64 -12.94
CA GLY B 24 2.37 -11.53 -12.28
C GLY B 24 1.98 -10.10 -12.67
N PRO B 25 2.81 -9.13 -12.29
CA PRO B 25 2.49 -7.71 -12.44
C PRO B 25 2.60 -7.15 -13.87
N VAL B 26 3.32 -7.86 -14.73
CA VAL B 26 3.45 -7.45 -16.13
C VAL B 26 3.11 -8.64 -17.02
N VAL B 27 1.95 -8.57 -17.67
CA VAL B 27 1.44 -9.67 -18.49
C VAL B 27 0.98 -9.16 -19.86
N ARG B 28 1.49 -9.77 -20.92
CA ARG B 28 1.09 -9.42 -22.28
C ARG B 28 -0.25 -10.06 -22.63
N VAL B 29 -1.20 -9.23 -23.04
CA VAL B 29 -2.53 -9.71 -23.42
C VAL B 29 -2.99 -9.11 -24.74
N ASN B 30 -3.99 -9.73 -25.36
CA ASN B 30 -4.66 -9.15 -26.52
C ASN B 30 -6.01 -8.56 -26.13
N VAL B 31 -6.16 -7.26 -26.37
CA VAL B 31 -7.41 -6.56 -26.08
C VAL B 31 -7.78 -5.62 -27.22
N PHE B 32 -9.06 -5.63 -27.60
CA PHE B 32 -9.55 -4.85 -28.76
C PHE B 32 -8.74 -5.10 -30.04
N HIS B 33 -8.39 -6.36 -30.27
CA HIS B 33 -7.64 -6.80 -31.46
C HIS B 33 -6.17 -6.36 -31.53
N LYS B 34 -5.63 -5.92 -30.40
CA LYS B 34 -4.25 -5.39 -30.37
C LYS B 34 -3.40 -5.96 -29.26
N THR B 35 -2.09 -5.93 -29.47
CA THR B 35 -1.13 -6.34 -28.45
C THR B 35 -1.02 -5.24 -27.39
N SER B 36 -1.16 -5.62 -26.13
CA SER B 36 -0.98 -4.71 -25.01
C SER B 36 -0.46 -5.45 -23.80
N VAL B 37 0.16 -4.72 -22.87
CA VAL B 37 0.66 -5.31 -21.65
C VAL B 37 -0.14 -4.78 -20.44
N ILE B 38 -0.84 -5.67 -19.75
CA ILE B 38 -1.53 -5.31 -18.51
C ILE B 38 -0.54 -5.21 -17.35
N VAL B 39 -0.49 -4.03 -16.73
CA VAL B 39 0.43 -3.78 -15.64
C VAL B 39 -0.38 -3.55 -14.36
N THR B 40 -0.14 -4.37 -13.35
CA THR B 40 -0.99 -4.38 -12.15
C THR B 40 -0.28 -4.15 -10.81
N SER B 41 0.91 -3.55 -10.85
CA SER B 41 1.58 -3.12 -9.62
C SER B 41 1.26 -1.65 -9.34
N PRO B 42 1.10 -1.29 -8.06
CA PRO B 42 0.79 0.10 -7.68
C PRO B 42 1.85 1.10 -8.13
N GLU B 43 3.11 0.68 -8.07
CA GLU B 43 4.23 1.53 -8.48
C GLU B 43 4.19 1.83 -9.98
N SER B 44 3.73 0.86 -10.76
CA SER B 44 3.54 1.05 -12.19
C SER B 44 2.38 2.00 -12.48
N VAL B 45 1.32 1.89 -11.69
CA VAL B 45 0.18 2.81 -11.79
C VAL B 45 0.61 4.24 -11.42
N LYS B 46 1.43 4.36 -10.37
CA LYS B 46 1.92 5.66 -9.94
C LYS B 46 2.88 6.30 -10.95
N LYS B 47 3.85 5.53 -11.43
CA LYS B 47 4.83 6.03 -12.38
C LYS B 47 4.19 6.59 -13.66
N PHE B 48 3.36 5.78 -14.31
CA PHE B 48 2.83 6.13 -15.62
C PHE B 48 1.62 7.07 -15.60
N LEU B 49 0.63 6.76 -14.75
CA LEU B 49 -0.60 7.56 -14.69
C LEU B 49 -0.41 8.94 -14.06
N MET B 50 0.48 9.04 -13.08
CA MET B 50 0.71 10.31 -12.36
C MET B 50 1.79 11.20 -12.98
N SER B 51 2.21 10.87 -14.20
CA SER B 51 3.21 11.67 -14.92
C SER B 51 2.68 12.10 -16.29
N THR B 52 2.81 13.40 -16.58
CA THR B 52 2.34 13.96 -17.86
C THR B 52 3.15 13.47 -19.06
N LYS B 53 4.30 12.85 -18.78
CA LYS B 53 5.14 12.26 -19.83
C LYS B 53 4.46 11.08 -20.50
N TYR B 54 3.47 10.64 -19.96
CA TYR B 54 2.78 9.43 -20.33
C TYR B 54 1.36 9.74 -20.75
N ASN B 55 1.15 9.53 -22.01
CA ASN B 55 0.02 9.77 -22.85
C ASN B 55 -0.67 8.48 -23.35
N LYS B 56 -1.92 8.68 -23.57
CA LYS B 56 -2.97 7.95 -24.10
C LYS B 56 -2.79 7.47 -25.49
N ASP B 57 -2.99 6.16 -25.62
CA ASP B 57 -2.78 5.34 -26.75
C ASP B 57 -3.79 5.34 -27.86
N SER B 58 -3.36 5.98 -28.92
CA SER B 58 -3.96 6.30 -30.16
C SER B 58 -4.66 5.11 -30.77
N LYS B 59 -4.02 4.07 -30.68
CA LYS B 59 -4.25 2.76 -31.23
C LYS B 59 -5.55 2.18 -30.66
N MET B 60 -5.66 2.42 -29.38
CA MET B 60 -6.67 2.01 -28.46
C MET B 60 -7.91 2.82 -28.60
N TYR B 61 -7.71 4.13 -28.90
CA TYR B 61 -8.82 5.09 -28.90
C TYR B 61 -9.33 5.44 -30.30
N ARG B 62 -8.61 5.02 -31.33
CA ARG B 62 -9.06 5.22 -32.72
C ARG B 62 -10.30 4.41 -33.06
N ALA B 63 -10.48 3.27 -32.37
CA ALA B 63 -11.67 2.44 -32.54
C ALA B 63 -12.89 3.08 -31.86
N LEU B 64 -12.74 4.32 -31.44
CA LEU B 64 -13.83 5.06 -30.81
C LEU B 64 -14.04 6.44 -31.44
N GLN B 65 -13.02 6.92 -32.15
CA GLN B 65 -13.15 8.14 -32.93
C GLN B 65 -14.15 7.91 -34.06
N THR B 66 -14.06 6.73 -34.67
CA THR B 66 -14.93 6.36 -35.78
C THR B 66 -15.46 4.94 -35.54
N VAL B 67 -16.76 4.76 -35.72
CA VAL B 67 -17.39 3.45 -35.57
C VAL B 67 -18.11 3.07 -36.86
N PHE B 68 -17.63 2.00 -37.51
CA PHE B 68 -18.19 1.53 -38.78
C PHE B 68 -18.30 2.60 -39.86
N GLY B 69 -17.27 3.43 -39.97
CA GLY B 69 -17.22 4.47 -41.00
C GLY B 69 -17.89 5.78 -40.63
N GLU B 70 -18.63 5.77 -39.52
CA GLU B 70 -19.38 6.94 -39.09
C GLU B 70 -18.70 7.64 -37.90
N ARG B 71 -18.41 8.86 -38.06
CA ARG B 71 -17.79 9.66 -37.04
C ARG B 71 -18.67 9.76 -35.77
N LEU B 72 -18.12 9.49 -34.70
CA LEU B 72 -18.59 9.38 -33.35
C LEU B 72 -18.03 10.37 -32.38
N PHE B 73 -17.14 10.09 -31.62
CA PHE B 73 -16.45 10.73 -30.51
C PHE B 73 -15.25 11.47 -31.07
N GLY B 74 -14.85 11.17 -32.32
CA GLY B 74 -13.81 11.90 -33.04
C GLY B 74 -12.62 12.25 -32.18
N GLN B 75 -12.29 13.54 -32.13
CA GLN B 75 -11.22 14.02 -31.27
C GLN B 75 -11.81 14.76 -30.06
N GLY B 76 -12.88 14.20 -29.51
CA GLY B 76 -13.48 14.71 -28.28
C GLY B 76 -12.53 14.54 -27.12
N LEU B 77 -12.92 15.07 -25.96
CA LEU B 77 -12.02 15.12 -24.80
C LEU B 77 -11.40 13.78 -24.40
N VAL B 78 -12.23 12.75 -24.30
CA VAL B 78 -11.75 11.42 -23.89
C VAL B 78 -11.00 10.68 -25.00
N SER B 79 -11.39 10.96 -26.26
CA SER B 79 -10.78 10.30 -27.41
C SER B 79 -9.52 11.01 -27.93
N GLU B 80 -9.37 12.28 -27.59
CA GLU B 80 -8.18 13.06 -27.95
C GLU B 80 -6.97 12.50 -27.21
N CYS B 81 -5.85 12.34 -27.91
CA CYS B 81 -4.67 11.69 -27.35
C CYS B 81 -3.43 12.58 -27.22
N ASN B 82 -3.32 13.57 -28.09
CA ASN B 82 -2.18 14.50 -28.05
C ASN B 82 -2.25 15.43 -26.84
N TYR B 83 -1.15 15.50 -26.09
CA TYR B 83 -1.10 16.29 -24.86
C TYR B 83 -1.50 17.75 -25.04
N GLU B 84 -0.84 18.43 -25.97
CA GLU B 84 -1.10 19.86 -26.21
C GLU B 84 -2.53 20.13 -26.66
N ARG B 85 -3.01 19.36 -27.64
CA ARG B 85 -4.38 19.48 -28.12
C ARG B 85 -5.40 19.24 -26.99
N TRP B 86 -5.13 18.24 -26.16
CA TRP B 86 -5.99 17.94 -25.01
C TRP B 86 -5.94 19.04 -23.96
N HIS B 87 -4.75 19.61 -23.74
CA HIS B 87 -4.55 20.63 -22.70
C HIS B 87 -5.43 21.86 -22.91
N LYS B 88 -5.39 22.42 -24.11
CA LYS B 88 -6.12 23.65 -24.43
C LYS B 88 -7.61 23.55 -24.12
N GLN B 89 -8.24 22.45 -24.53
CA GLN B 89 -9.67 22.25 -24.29
C GLN B 89 -9.98 21.86 -22.84
N ARG B 90 -9.09 21.09 -22.22
CA ARG B 90 -9.27 20.66 -20.83
C ARG B 90 -9.38 21.82 -19.83
N ARG B 91 -8.40 22.72 -19.84
CA ARG B 91 -8.40 23.88 -18.96
C ARG B 91 -9.51 24.91 -19.25
N VAL B 92 -10.12 24.79 -20.42
CA VAL B 92 -11.26 25.65 -20.79
C VAL B 92 -12.58 24.99 -20.34
N ILE B 93 -12.71 23.70 -20.58
CA ILE B 93 -13.89 22.94 -20.15
C ILE B 93 -13.90 22.77 -18.62
N ASP B 94 -12.72 22.90 -18.01
CA ASP B 94 -12.58 22.84 -16.55
C ASP B 94 -13.51 23.78 -15.77
N LEU B 95 -13.79 24.95 -16.34
CA LEU B 95 -14.64 25.94 -15.68
C LEU B 95 -16.08 25.48 -15.49
N ALA B 96 -16.55 24.63 -16.40
CA ALA B 96 -17.88 24.02 -16.27
C ALA B 96 -17.93 23.01 -15.13
N PHE B 97 -16.78 22.75 -14.52
CA PHE B 97 -16.68 21.79 -13.42
C PHE B 97 -16.03 22.41 -12.17
N SER B 98 -16.04 23.73 -12.09
CA SER B 98 -15.52 24.44 -10.91
C SER B 98 -16.47 24.24 -9.73
N ARG B 99 -15.99 24.54 -8.51
CA ARG B 99 -16.79 24.37 -7.31
C ARG B 99 -18.15 25.08 -7.40
N SER B 100 -18.13 26.33 -7.85
CA SER B 100 -19.36 27.11 -8.01
C SER B 100 -20.26 26.60 -9.13
N SER B 101 -19.65 26.18 -10.24
CA SER B 101 -20.40 25.64 -11.39
C SER B 101 -21.16 24.36 -11.05
N LEU B 102 -20.54 23.50 -10.24
CA LEU B 102 -21.15 22.24 -9.84
C LEU B 102 -22.31 22.45 -8.86
N VAL B 103 -22.14 23.40 -7.94
CA VAL B 103 -23.17 23.72 -6.94
C VAL B 103 -24.44 24.27 -7.60
N SER B 104 -24.28 24.98 -8.71
CA SER B 104 -25.42 25.53 -9.45
C SER B 104 -26.34 24.44 -10.03
N LEU B 105 -25.84 23.21 -10.07
CA LEU B 105 -26.56 22.08 -10.65
C LEU B 105 -27.41 21.31 -9.63
N MET B 106 -27.37 21.73 -8.37
CA MET B 106 -28.06 21.02 -7.29
C MET B 106 -29.58 20.90 -7.47
N GLU B 107 -30.20 21.92 -8.07
CA GLU B 107 -31.63 21.90 -8.37
C GLU B 107 -31.95 20.85 -9.45
N THR B 108 -31.12 20.82 -10.49
CA THR B 108 -31.27 19.86 -11.58
C THR B 108 -31.22 18.42 -11.05
N PHE B 109 -30.24 18.14 -10.19
CA PHE B 109 -30.09 16.81 -9.59
C PHE B 109 -31.33 16.42 -8.78
N ASN B 110 -31.73 17.30 -7.85
CA ASN B 110 -32.89 17.05 -6.99
C ASN B 110 -34.22 16.96 -7.73
N GLU B 111 -34.37 17.77 -8.78
CA GLU B 111 -35.58 17.74 -9.62
C GLU B 111 -35.82 16.36 -10.21
N LYS B 112 -34.83 15.84 -10.92
CA LYS B 112 -34.95 14.55 -11.59
C LYS B 112 -35.01 13.40 -10.59
N ALA B 113 -34.29 13.53 -9.48
CA ALA B 113 -34.29 12.52 -8.41
C ALA B 113 -35.64 12.41 -7.71
N GLU B 114 -36.24 13.57 -7.41
CA GLU B 114 -37.59 13.60 -6.81
C GLU B 114 -38.61 13.13 -7.83
N GLN B 115 -38.38 13.47 -9.10
CA GLN B 115 -39.20 12.99 -10.20
C GLN B 115 -39.09 11.47 -10.28
N LEU B 116 -37.86 10.96 -10.18
CA LEU B 116 -37.62 9.52 -10.16
C LEU B 116 -38.33 8.83 -8.99
N VAL B 117 -38.14 9.39 -7.80
CA VAL B 117 -38.76 8.84 -6.58
C VAL B 117 -40.29 8.86 -6.68
N GLU B 118 -40.85 9.96 -7.15
CA GLU B 118 -42.30 10.08 -7.33
C GLU B 118 -42.86 9.03 -8.29
N ILE B 119 -42.15 8.79 -9.40
CA ILE B 119 -42.54 7.74 -10.36
C ILE B 119 -42.51 6.35 -9.73
N LEU B 120 -41.44 6.05 -8.99
CA LEU B 120 -41.29 4.75 -8.35
C LEU B 120 -42.30 4.54 -7.22
N GLU B 121 -42.59 5.62 -6.49
CA GLU B 121 -43.62 5.59 -5.45
C GLU B 121 -45.02 5.27 -6.00
N ALA B 122 -45.23 5.55 -7.29
CA ALA B 122 -46.50 5.24 -7.96
C ALA B 122 -46.61 3.75 -8.30
N LYS B 123 -45.46 3.10 -8.49
CA LYS B 123 -45.42 1.67 -8.79
C LYS B 123 -45.11 0.85 -7.54
N ALA B 124 -45.14 1.51 -6.39
CA ALA B 124 -44.71 0.90 -5.12
C ALA B 124 -45.80 0.07 -4.43
N ASP B 125 -46.39 -0.86 -5.17
CA ASP B 125 -47.38 -1.78 -4.61
C ASP B 125 -46.76 -3.14 -4.28
N GLY B 126 -45.51 -3.33 -4.68
CA GLY B 126 -44.79 -4.59 -4.42
C GLY B 126 -45.13 -5.68 -5.42
N GLN B 127 -45.76 -5.29 -6.53
CA GLN B 127 -46.20 -6.23 -7.55
C GLN B 127 -45.88 -5.76 -8.97
N THR B 128 -45.43 -4.50 -9.08
CA THR B 128 -45.05 -3.93 -10.38
C THR B 128 -43.58 -4.19 -10.65
N PRO B 129 -43.28 -4.96 -11.71
CA PRO B 129 -41.90 -5.20 -12.11
C PRO B 129 -41.28 -3.95 -12.71
N VAL B 130 -40.19 -3.48 -12.11
CA VAL B 130 -39.51 -2.26 -12.55
C VAL B 130 -38.02 -2.52 -12.77
N SER B 131 -37.56 -2.21 -13.98
CA SER B 131 -36.14 -2.31 -14.29
C SER B 131 -35.42 -1.07 -13.77
N MET B 132 -34.65 -1.25 -12.70
CA MET B 132 -33.89 -0.14 -12.14
C MET B 132 -32.80 0.34 -13.07
N GLN B 133 -32.23 -0.58 -13.86
CA GLN B 133 -31.27 -0.22 -14.90
C GLN B 133 -31.83 0.88 -15.79
N ASP B 134 -32.97 0.61 -16.42
CA ASP B 134 -33.63 1.57 -17.32
C ASP B 134 -34.02 2.87 -16.61
N MET B 135 -34.65 2.75 -15.46
CA MET B 135 -35.12 3.91 -14.70
C MET B 135 -33.97 4.83 -14.28
N LEU B 136 -32.85 4.24 -13.88
CA LEU B 136 -31.66 5.01 -13.51
C LEU B 136 -30.93 5.54 -14.74
N THR B 137 -31.15 4.89 -15.89
CA THR B 137 -30.64 5.37 -17.17
C THR B 137 -31.42 6.62 -17.62
N TYR B 138 -32.74 6.59 -17.46
CA TYR B 138 -33.60 7.73 -17.81
C TYR B 138 -33.24 8.95 -16.95
N THR B 139 -33.06 8.71 -15.66
CA THR B 139 -32.73 9.78 -14.70
C THR B 139 -31.42 10.46 -15.07
N ALA B 140 -30.38 9.66 -15.28
CA ALA B 140 -29.05 10.19 -15.58
C ALA B 140 -29.02 10.95 -16.90
N MET B 141 -29.75 10.44 -17.89
CA MET B 141 -29.88 11.12 -19.17
C MET B 141 -30.61 12.44 -19.01
N ASP B 142 -31.75 12.41 -18.32
CA ASP B 142 -32.52 13.63 -18.04
C ASP B 142 -31.69 14.65 -17.25
N ILE B 143 -30.90 14.16 -16.29
CA ILE B 143 -29.99 15.02 -15.53
C ILE B 143 -28.96 15.65 -16.45
N LEU B 144 -28.25 14.81 -17.21
CA LEU B 144 -27.17 15.29 -18.09
C LEU B 144 -27.67 16.27 -19.15
N ALA B 145 -28.76 15.91 -19.83
CA ALA B 145 -29.31 16.74 -20.90
C ALA B 145 -29.64 18.16 -20.44
N LYS B 146 -30.33 18.27 -19.31
CA LYS B 146 -30.73 19.56 -18.75
C LYS B 146 -29.55 20.32 -18.15
N ALA B 147 -28.67 19.60 -17.45
CA ALA B 147 -27.52 20.22 -16.78
C ALA B 147 -26.41 20.67 -17.73
N ALA B 148 -26.11 19.85 -18.73
CA ALA B 148 -25.00 20.14 -19.65
C ALA B 148 -25.41 20.98 -20.86
N PHE B 149 -26.53 20.61 -21.49
CA PHE B 149 -26.95 21.23 -22.74
C PHE B 149 -28.22 22.07 -22.62
N GLY B 150 -28.74 22.18 -21.40
CA GLY B 150 -29.91 23.03 -21.12
C GLY B 150 -31.22 22.58 -21.74
N MET B 151 -31.27 21.33 -22.19
CA MET B 151 -32.45 20.79 -22.88
C MET B 151 -33.08 19.65 -22.10
N GLU B 152 -34.41 19.61 -22.08
CA GLU B 152 -35.15 18.61 -21.33
C GLU B 152 -35.55 17.41 -22.21
N THR B 153 -34.88 16.29 -22.01
CA THR B 153 -35.19 15.07 -22.73
C THR B 153 -36.49 14.44 -22.23
N SER B 154 -36.74 14.56 -20.93
CA SER B 154 -37.97 14.04 -20.32
C SER B 154 -38.18 12.55 -20.63
N MET B 155 -37.14 11.76 -20.45
CA MET B 155 -37.21 10.33 -20.68
C MET B 155 -37.94 9.64 -19.53
N LEU B 156 -37.81 10.20 -18.33
CA LEU B 156 -38.57 9.75 -17.16
C LEU B 156 -40.08 9.88 -17.39
N LEU B 157 -40.47 10.83 -18.22
CA LEU B 157 -41.89 11.05 -18.54
C LEU B 157 -42.31 10.45 -19.88
N GLY B 158 -41.44 9.63 -20.46
CA GLY B 158 -41.77 8.87 -21.66
C GLY B 158 -41.43 9.51 -23.00
N ALA B 159 -40.83 10.69 -22.97
CA ALA B 159 -40.49 11.42 -24.19
C ALA B 159 -39.12 11.01 -24.76
N GLN B 160 -38.86 11.43 -26.00
CA GLN B 160 -37.59 11.13 -26.69
C GLN B 160 -37.27 9.64 -26.76
N LYS B 161 -38.24 8.84 -27.16
CA LYS B 161 -38.05 7.39 -27.33
C LYS B 161 -37.06 6.99 -28.44
N PRO B 162 -37.09 7.67 -29.58
CA PRO B 162 -36.11 7.43 -30.64
C PRO B 162 -34.68 7.71 -30.21
N LEU B 163 -34.50 8.70 -29.33
CA LEU B 163 -33.18 9.02 -28.80
C LEU B 163 -32.66 7.94 -27.83
N SER B 164 -33.55 7.44 -26.98
CA SER B 164 -33.19 6.37 -26.04
C SER B 164 -33.01 5.03 -26.77
N GLN B 165 -33.62 4.94 -27.95
CA GLN B 165 -33.38 3.83 -28.87
C GLN B 165 -32.00 4.02 -29.51
N ALA B 166 -31.71 5.24 -29.93
CA ALA B 166 -30.45 5.56 -30.60
C ALA B 166 -29.21 5.33 -29.73
N VAL B 167 -29.29 5.73 -28.46
CA VAL B 167 -28.19 5.51 -27.50
C VAL B 167 -27.99 4.00 -27.27
N LYS B 168 -29.10 3.29 -27.04
CA LYS B 168 -29.06 1.84 -26.89
C LYS B 168 -28.30 1.14 -28.02
N LEU B 169 -28.66 1.46 -29.26
CA LEU B 169 -28.02 0.87 -30.43
C LEU B 169 -26.59 1.36 -30.61
N MET B 170 -26.36 2.63 -30.29
CA MET B 170 -25.04 3.24 -30.37
C MET B 170 -24.04 2.46 -29.50
N LEU B 171 -24.47 2.12 -28.29
CA LEU B 171 -23.63 1.37 -27.35
C LEU B 171 -23.42 -0.07 -27.78
N GLU B 172 -24.39 -0.64 -28.49
CA GLU B 172 -24.25 -1.96 -29.09
C GLU B 172 -23.17 -1.95 -30.17
N GLY B 173 -23.12 -0.86 -30.93
CA GLY B 173 -22.13 -0.70 -31.99
C GLY B 173 -20.72 -0.45 -31.49
N ILE B 174 -20.61 0.14 -30.31
CA ILE B 174 -19.31 0.32 -29.65
C ILE B 174 -18.71 -1.05 -29.36
N THR B 175 -19.51 -1.92 -28.74
CA THR B 175 -19.07 -3.26 -28.35
C THR B 175 -18.61 -4.06 -29.55
N ALA B 176 -19.39 -4.02 -30.62
CA ALA B 176 -19.12 -4.81 -31.82
C ALA B 176 -17.81 -4.41 -32.50
N SER B 177 -17.72 -3.16 -32.92
CA SER B 177 -16.62 -2.68 -33.75
C SER B 177 -15.21 -2.86 -33.16
N ARG B 178 -15.09 -2.63 -31.85
CA ARG B 178 -13.79 -2.78 -31.17
C ARG B 178 -13.56 -4.21 -30.64
N ASN B 179 -14.55 -5.08 -30.83
CA ASN B 179 -14.45 -6.48 -30.41
C ASN B 179 -14.98 -7.48 -31.45
N THR B 180 -14.88 -7.11 -32.72
CA THR B 180 -15.36 -7.97 -33.82
C THR B 180 -14.41 -9.16 -34.03
N LYS B 188 -27.05 -8.84 -39.25
CA LYS B 188 -25.84 -8.06 -39.04
C LYS B 188 -25.72 -6.87 -40.00
N ARG B 189 -26.20 -7.05 -41.22
CA ARG B 189 -26.23 -5.97 -42.21
C ARG B 189 -27.18 -4.86 -41.76
N LYS B 190 -28.29 -5.27 -41.14
CA LYS B 190 -29.23 -4.34 -40.51
C LYS B 190 -28.59 -3.71 -39.28
N GLN B 191 -27.84 -4.52 -38.53
CA GLN B 191 -27.15 -4.04 -37.32
C GLN B 191 -26.07 -3.01 -37.68
N LEU B 192 -25.51 -3.13 -38.88
CA LEU B 192 -24.59 -2.13 -39.41
C LEU B 192 -25.30 -0.83 -39.77
N ARG B 193 -26.51 -0.96 -40.32
CA ARG B 193 -27.32 0.19 -40.73
C ARG B 193 -27.86 0.95 -39.51
N GLU B 194 -28.40 0.19 -38.56
CA GLU B 194 -28.96 0.76 -37.33
C GLU B 194 -27.94 1.56 -36.51
N VAL B 195 -26.72 1.05 -36.41
CA VAL B 195 -25.65 1.70 -35.67
C VAL B 195 -25.22 3.01 -36.36
N ARG B 196 -25.07 2.95 -37.68
CA ARG B 196 -24.75 4.15 -38.47
C ARG B 196 -25.84 5.22 -38.37
N GLU B 197 -27.09 4.79 -38.39
CA GLU B 197 -28.23 5.70 -38.30
C GLU B 197 -28.30 6.34 -36.91
N SER B 198 -28.06 5.53 -35.88
CA SER B 198 -28.09 6.01 -34.50
C SER B 198 -27.00 7.03 -34.23
N ILE B 199 -25.81 6.79 -34.77
CA ILE B 199 -24.68 7.70 -34.60
C ILE B 199 -24.92 9.02 -35.33
N ARG B 200 -25.39 8.95 -36.58
CA ARG B 200 -25.74 10.13 -37.35
C ARG B 200 -26.82 10.97 -36.67
N PHE B 201 -27.79 10.29 -36.07
CA PHE B 201 -28.88 10.96 -35.35
C PHE B 201 -28.36 11.69 -34.11
N LEU B 202 -27.44 11.07 -33.39
CA LEU B 202 -26.84 11.68 -32.18
C LEU B 202 -26.12 12.99 -32.48
N ARG B 203 -25.38 13.03 -33.58
CA ARG B 203 -24.71 14.25 -34.02
C ARG B 203 -25.71 15.27 -34.55
N GLN B 204 -26.81 14.78 -35.11
CA GLN B 204 -27.89 15.65 -35.59
C GLN B 204 -28.63 16.31 -34.43
N VAL B 205 -28.81 15.58 -33.34
CA VAL B 205 -29.37 16.14 -32.10
C VAL B 205 -28.43 17.22 -31.57
N GLY B 206 -27.13 16.97 -31.72
CA GLY B 206 -26.10 17.96 -31.36
C GLY B 206 -26.20 19.24 -32.15
N ARG B 207 -26.62 19.14 -33.41
CA ARG B 207 -26.82 20.31 -34.26
C ARG B 207 -27.97 21.17 -33.73
N ASP B 208 -29.04 20.50 -33.27
CA ASP B 208 -30.21 21.18 -32.73
C ASP B 208 -29.91 21.99 -31.47
N TRP B 209 -29.38 21.32 -30.45
CA TRP B 209 -29.18 21.93 -29.13
C TRP B 209 -28.10 23.01 -29.10
N VAL B 210 -27.19 22.96 -30.07
CA VAL B 210 -26.20 24.03 -30.25
C VAL B 210 -26.88 25.24 -30.88
N GLN B 211 -27.64 25.01 -31.95
CA GLN B 211 -28.35 26.08 -32.65
C GLN B 211 -29.42 26.75 -31.78
N ARG B 212 -30.13 25.94 -31.00
CA ARG B 212 -31.15 26.47 -30.10
C ARG B 212 -30.54 27.32 -29.01
N ARG B 213 -29.31 26.99 -28.62
CA ARG B 213 -28.54 27.80 -27.68
C ARG B 213 -28.03 29.07 -28.33
N ARG B 214 -27.54 28.95 -29.57
CA ARG B 214 -27.00 30.07 -30.32
C ARG B 214 -28.06 31.11 -30.68
N GLU B 215 -29.25 30.64 -31.06
CA GLU B 215 -30.37 31.52 -31.41
C GLU B 215 -30.91 32.26 -30.19
N ALA B 216 -30.79 31.63 -29.02
CA ALA B 216 -31.14 32.27 -27.75
C ALA B 216 -30.12 33.35 -27.39
N LEU B 217 -28.85 33.06 -27.68
CA LEU B 217 -27.77 34.01 -27.40
C LEU B 217 -27.74 35.20 -28.36
N LYS B 218 -28.12 34.95 -29.61
CA LYS B 218 -28.12 35.99 -30.64
C LYS B 218 -29.24 37.00 -30.45
N ARG B 219 -30.30 36.58 -29.76
CA ARG B 219 -31.40 37.49 -29.41
C ARG B 219 -31.20 38.13 -28.03
N GLY B 220 -30.00 37.94 -27.47
CA GLY B 220 -29.60 38.63 -26.24
C GLY B 220 -30.17 38.10 -24.93
N GLU B 221 -30.34 36.78 -24.84
CA GLU B 221 -30.83 36.16 -23.61
C GLU B 221 -29.67 35.81 -22.67
N GLU B 222 -29.91 35.91 -21.37
CA GLU B 222 -28.92 35.56 -20.36
C GLU B 222 -29.03 34.08 -19.99
N VAL B 223 -28.01 33.32 -20.36
CA VAL B 223 -27.99 31.88 -20.07
C VAL B 223 -26.89 31.52 -19.05
N PRO B 224 -27.20 30.61 -18.13
CA PRO B 224 -26.21 30.10 -17.16
C PRO B 224 -25.05 29.41 -17.87
N ALA B 225 -23.85 29.54 -17.30
CA ALA B 225 -22.65 28.95 -17.88
C ALA B 225 -22.56 27.46 -17.56
N ASP B 226 -22.87 26.63 -18.56
CA ASP B 226 -22.81 25.17 -18.40
C ASP B 226 -21.76 24.52 -19.30
N ILE B 227 -21.87 23.21 -19.50
CA ILE B 227 -20.90 22.46 -20.29
C ILE B 227 -20.99 22.80 -21.79
N LEU B 228 -22.20 22.98 -22.30
CA LEU B 228 -22.41 23.36 -23.70
C LEU B 228 -21.72 24.67 -24.07
N THR B 229 -21.69 25.61 -23.14
CA THR B 229 -21.04 26.91 -23.35
C THR B 229 -19.53 26.76 -23.46
N GLN B 230 -18.95 25.87 -22.64
CA GLN B 230 -17.50 25.68 -22.60
C GLN B 230 -16.94 24.93 -23.81
N ILE B 231 -17.71 24.00 -24.36
CA ILE B 231 -17.29 23.28 -25.58
C ILE B 231 -17.43 24.17 -26.82
N LEU B 232 -18.33 25.14 -26.75
CA LEU B 232 -18.44 26.18 -27.78
C LEU B 232 -17.25 27.13 -27.70
N LYS B 233 -16.93 27.56 -26.48
CA LYS B 233 -15.79 28.45 -26.23
C LYS B 233 -14.46 27.80 -26.61
N ALA B 234 -14.36 26.50 -26.37
CA ALA B 234 -13.16 25.74 -26.74
C ALA B 234 -12.97 25.62 -28.25
N GLU B 235 -14.07 25.75 -28.98
CA GLU B 235 -14.05 25.69 -30.44
C GLU B 235 -14.15 27.08 -31.07
N GLU B 236 -13.64 28.09 -30.37
CA GLU B 236 -13.61 29.46 -30.88
C GLU B 236 -12.44 29.62 -31.85
N GLY B 237 -12.76 29.71 -33.14
CA GLY B 237 -11.74 29.84 -34.18
C GLY B 237 -11.76 28.72 -35.21
N ALA B 238 -12.50 27.66 -34.90
CA ALA B 238 -12.63 26.51 -35.81
C ALA B 238 -13.50 26.85 -37.01
N GLN B 239 -13.19 26.26 -38.16
CA GLN B 239 -13.92 26.53 -39.40
C GLN B 239 -15.20 25.71 -39.53
N ASP B 240 -15.18 24.49 -38.97
CA ASP B 240 -16.37 23.64 -38.95
C ASP B 240 -16.76 23.28 -37.53
N ASP B 241 -18.02 22.91 -37.34
CA ASP B 241 -18.54 22.55 -36.02
C ASP B 241 -18.42 21.06 -35.71
N GLU B 242 -17.64 20.34 -36.52
CA GLU B 242 -17.45 18.90 -36.33
C GLU B 242 -16.67 18.58 -35.06
N GLY B 243 -15.67 19.39 -34.75
CA GLY B 243 -14.93 19.27 -33.50
C GLY B 243 -15.82 19.57 -32.31
N LEU B 244 -16.73 20.52 -32.48
CA LEU B 244 -17.72 20.85 -31.48
C LEU B 244 -18.72 19.70 -31.27
N LEU B 245 -19.08 19.03 -32.37
CA LEU B 245 -20.00 17.89 -32.31
C LEU B 245 -19.35 16.66 -31.68
N ASP B 246 -18.06 16.48 -31.91
CA ASP B 246 -17.29 15.43 -31.26
C ASP B 246 -17.50 15.51 -29.75
N ASN B 247 -17.28 16.69 -29.19
CA ASN B 247 -17.48 16.94 -27.77
C ASN B 247 -18.92 16.81 -27.28
N PHE B 248 -19.88 17.09 -28.16
CA PHE B 248 -21.30 16.92 -27.81
C PHE B 248 -21.61 15.46 -27.51
N VAL B 249 -21.33 14.59 -28.47
CA VAL B 249 -21.60 13.15 -28.34
C VAL B 249 -20.72 12.53 -27.25
N THR B 250 -19.57 13.14 -27.01
CA THR B 250 -18.65 12.71 -25.94
C THR B 250 -19.29 12.90 -24.57
N PHE B 251 -19.60 14.15 -24.22
CA PHE B 251 -20.22 14.46 -22.93
C PHE B 251 -21.63 13.93 -22.82
N PHE B 252 -22.31 13.85 -23.96
CA PHE B 252 -23.66 13.29 -24.02
C PHE B 252 -23.67 11.87 -23.46
N ILE B 253 -22.78 11.02 -23.98
CA ILE B 253 -22.73 9.62 -23.59
C ILE B 253 -22.01 9.43 -22.26
N ALA B 254 -20.81 10.00 -22.16
CA ALA B 254 -20.00 9.88 -20.95
C ALA B 254 -20.72 10.44 -19.72
N GLY B 255 -21.39 11.57 -19.92
CA GLY B 255 -22.03 12.30 -18.82
C GLY B 255 -23.20 11.64 -18.13
N HIS B 256 -23.63 10.48 -18.64
CA HIS B 256 -24.77 9.77 -18.04
C HIS B 256 -24.64 8.24 -17.87
N GLU B 257 -24.06 7.57 -18.86
CA GLU B 257 -24.09 6.09 -18.89
C GLU B 257 -23.39 5.38 -17.73
N THR B 258 -22.16 5.78 -17.44
CA THR B 258 -21.40 5.21 -16.34
C THR B 258 -22.02 5.52 -14.98
N SER B 259 -22.61 6.70 -14.85
CA SER B 259 -23.36 7.07 -13.65
C SER B 259 -24.53 6.12 -13.46
N ALA B 260 -25.24 5.85 -14.55
CA ALA B 260 -26.36 4.92 -14.52
C ALA B 260 -25.89 3.50 -14.20
N ASN B 261 -24.77 3.10 -14.78
CA ASN B 261 -24.14 1.82 -14.44
C ASN B 261 -23.86 1.79 -12.95
N HIS B 262 -23.16 2.82 -12.47
CA HIS B 262 -22.77 2.94 -11.06
C HIS B 262 -23.97 2.87 -10.13
N LEU B 263 -25.03 3.62 -10.47
CA LEU B 263 -26.28 3.59 -9.72
C LEU B 263 -26.91 2.19 -9.71
N ALA B 264 -26.95 1.54 -10.86
CA ALA B 264 -27.55 0.22 -11.00
C ALA B 264 -26.84 -0.82 -10.16
N PHE B 265 -25.50 -0.86 -10.27
CA PHE B 265 -24.68 -1.74 -9.45
C PHE B 265 -24.90 -1.54 -7.94
N THR B 266 -25.01 -0.28 -7.54
CA THR B 266 -25.15 0.06 -6.13
C THR B 266 -26.48 -0.47 -5.58
N VAL B 267 -27.56 -0.24 -6.33
CA VAL B 267 -28.88 -0.73 -5.94
C VAL B 267 -28.94 -2.27 -5.99
N MET B 268 -28.34 -2.84 -7.02
CA MET B 268 -28.26 -4.30 -7.18
C MET B 268 -27.61 -4.99 -5.97
N GLU B 269 -26.45 -4.47 -5.57
CA GLU B 269 -25.70 -5.05 -4.45
C GLU B 269 -26.43 -4.89 -3.10
N LEU B 270 -27.00 -3.71 -2.88
CA LEU B 270 -27.68 -3.40 -1.61
C LEU B 270 -28.88 -4.29 -1.30
N SER B 271 -29.58 -4.74 -2.35
CA SER B 271 -30.75 -5.61 -2.19
C SER B 271 -30.44 -6.87 -1.37
N ARG B 272 -29.19 -7.34 -1.47
CA ARG B 272 -28.76 -8.50 -0.68
C ARG B 272 -27.92 -8.11 0.55
N GLN B 273 -27.86 -6.80 0.83
CA GLN B 273 -27.07 -6.29 1.97
C GLN B 273 -27.94 -5.49 2.96
N PRO B 274 -28.89 -6.16 3.62
CA PRO B 274 -29.87 -5.46 4.47
C PRO B 274 -29.27 -4.75 5.68
N GLU B 275 -28.15 -5.26 6.18
CA GLU B 275 -27.46 -4.65 7.33
C GLU B 275 -26.84 -3.31 6.95
N ILE B 276 -26.30 -3.23 5.73
CA ILE B 276 -25.75 -1.99 5.21
C ILE B 276 -26.88 -1.03 4.89
N VAL B 277 -27.97 -1.57 4.34
CA VAL B 277 -29.17 -0.81 4.06
C VAL B 277 -29.68 -0.13 5.33
N ALA B 278 -29.73 -0.87 6.43
CA ALA B 278 -30.18 -0.34 7.71
C ALA B 278 -29.32 0.83 8.19
N ARG B 279 -28.01 0.69 8.05
CA ARG B 279 -27.08 1.78 8.41
C ARG B 279 -27.18 2.98 7.47
N LEU B 280 -27.40 2.71 6.19
CA LEU B 280 -27.61 3.76 5.20
C LEU B 280 -28.90 4.52 5.49
N GLN B 281 -29.96 3.79 5.80
CA GLN B 281 -31.23 4.37 6.20
C GLN B 281 -31.06 5.16 7.51
N ALA B 282 -30.34 4.55 8.46
CA ALA B 282 -30.07 5.20 9.75
C ALA B 282 -29.29 6.50 9.63
N GLU B 283 -28.36 6.54 8.67
CA GLU B 283 -27.59 7.76 8.39
C GLU B 283 -28.46 8.83 7.75
N VAL B 284 -29.24 8.43 6.75
CA VAL B 284 -30.15 9.35 6.05
C VAL B 284 -31.11 10.02 7.05
N ASP B 285 -31.60 9.24 8.01
CA ASP B 285 -32.50 9.75 9.05
C ASP B 285 -31.87 10.80 9.99
N GLU B 286 -30.56 10.95 9.93
CA GLU B 286 -29.86 11.93 10.75
C GLU B 286 -29.63 13.26 10.03
N VAL B 287 -28.84 13.22 8.95
CA VAL B 287 -28.41 14.44 8.24
C VAL B 287 -29.51 15.15 7.44
N ILE B 288 -30.35 14.38 6.74
CA ILE B 288 -31.50 14.94 6.04
C ILE B 288 -32.83 14.63 6.72
N GLY B 289 -33.01 13.38 7.11
CA GLY B 289 -34.25 12.93 7.73
C GLY B 289 -35.35 12.83 6.70
N SER B 290 -36.46 13.53 6.95
CA SER B 290 -37.58 13.57 6.02
C SER B 290 -37.54 14.81 5.13
N LYS B 291 -36.36 15.42 5.03
CA LYS B 291 -36.18 16.60 4.18
C LYS B 291 -36.31 16.25 2.70
N ARG B 292 -37.05 17.08 1.97
CA ARG B 292 -37.38 16.81 0.57
C ARG B 292 -36.26 17.25 -0.38
N TYR B 293 -35.48 18.23 0.04
CA TYR B 293 -34.43 18.80 -0.79
C TYR B 293 -33.06 18.68 -0.11
N LEU B 294 -32.01 18.57 -0.91
CA LEU B 294 -30.65 18.47 -0.38
C LEU B 294 -29.77 19.68 -0.71
N ASP B 295 -29.07 20.19 0.30
CA ASP B 295 -28.05 21.21 0.10
C ASP B 295 -26.77 20.55 -0.39
N PHE B 296 -25.80 21.35 -0.80
CA PHE B 296 -24.48 20.83 -1.16
C PHE B 296 -23.78 20.27 0.08
N GLU B 297 -23.91 20.97 1.20
CA GLU B 297 -23.28 20.55 2.46
C GLU B 297 -23.97 19.32 3.07
N ASP B 298 -25.17 19.02 2.60
CA ASP B 298 -25.87 17.79 2.98
C ASP B 298 -25.13 16.57 2.42
N LEU B 299 -24.63 16.71 1.20
CA LEU B 299 -23.91 15.62 0.54
C LEU B 299 -22.58 15.31 1.21
N GLY B 300 -21.90 16.36 1.71
CA GLY B 300 -20.63 16.19 2.41
C GLY B 300 -20.75 15.35 3.66
N ARG B 301 -21.90 15.43 4.31
CA ARG B 301 -22.13 14.74 5.59
C ARG B 301 -22.63 13.31 5.42
N LEU B 302 -22.96 12.93 4.19
CA LEU B 302 -23.38 11.55 3.89
C LEU B 302 -22.15 10.65 3.80
N GLN B 303 -21.44 10.55 4.92
CA GLN B 303 -20.14 9.88 5.00
C GLN B 303 -20.17 8.39 4.68
N TYR B 304 -21.10 7.67 5.31
CA TYR B 304 -21.21 6.22 5.12
C TYR B 304 -21.70 5.88 3.71
N LEU B 305 -22.54 6.73 3.15
CA LEU B 305 -23.02 6.57 1.77
C LEU B 305 -21.87 6.73 0.78
N SER B 306 -20.91 7.59 1.12
CA SER B 306 -19.69 7.75 0.32
C SER B 306 -18.90 6.45 0.28
N GLN B 307 -18.74 5.83 1.44
CA GLN B 307 -18.04 4.54 1.56
C GLN B 307 -18.69 3.46 0.71
N VAL B 308 -20.02 3.39 0.77
CA VAL B 308 -20.80 2.42 0.02
C VAL B 308 -20.59 2.58 -1.49
N LEU B 309 -20.61 3.83 -1.95
CA LEU B 309 -20.43 4.14 -3.36
C LEU B 309 -18.99 3.89 -3.81
N LYS B 310 -18.04 4.17 -2.93
CA LYS B 310 -16.63 3.90 -3.20
C LYS B 310 -16.35 2.39 -3.22
N GLU B 311 -17.12 1.65 -2.43
CA GLU B 311 -17.00 0.19 -2.39
C GLU B 311 -17.72 -0.43 -3.59
N SER B 312 -18.78 0.24 -4.06
CA SER B 312 -19.48 -0.21 -5.26
C SER B 312 -18.60 -0.04 -6.50
N LEU B 313 -17.81 1.03 -6.50
CA LEU B 313 -16.88 1.30 -7.60
C LEU B 313 -15.66 0.38 -7.58
N ARG B 314 -15.30 -0.13 -6.41
CA ARG B 314 -14.18 -1.06 -6.29
C ARG B 314 -14.50 -2.40 -6.95
N LEU B 315 -15.64 -2.99 -6.57
CA LEU B 315 -16.09 -4.24 -7.16
C LEU B 315 -16.69 -4.08 -8.55
N TYR B 316 -17.44 -2.99 -8.75
CA TYR B 316 -18.14 -2.80 -10.02
C TYR B 316 -17.86 -1.45 -10.70
N PRO B 317 -16.64 -1.27 -11.20
CA PRO B 317 -16.30 -0.05 -11.94
C PRO B 317 -16.85 -0.10 -13.37
N PRO B 318 -17.71 0.85 -13.72
CA PRO B 318 -18.26 0.94 -15.08
C PRO B 318 -17.16 1.03 -16.12
N ALA B 319 -16.19 1.92 -15.89
CA ALA B 319 -15.03 2.03 -16.78
C ALA B 319 -13.87 1.30 -16.12
N TRP B 320 -13.48 0.17 -16.70
CA TRP B 320 -12.48 -0.70 -16.08
C TRP B 320 -11.06 -0.15 -16.03
N GLY B 321 -10.75 0.80 -16.89
CA GLY B 321 -9.42 1.42 -16.91
C GLY B 321 -9.05 2.17 -18.17
N THR B 322 -7.75 2.27 -18.42
CA THR B 322 -7.23 3.09 -19.52
C THR B 322 -5.93 2.51 -20.09
N PHE B 323 -5.37 3.19 -21.09
CA PHE B 323 -4.12 2.79 -21.72
C PHE B 323 -3.12 3.93 -21.72
N ARG B 324 -1.83 3.59 -21.66
CA ARG B 324 -0.75 4.56 -21.83
C ARG B 324 0.31 3.99 -22.77
N LEU B 325 0.60 4.72 -23.85
CA LEU B 325 1.63 4.30 -24.80
C LEU B 325 3.01 4.46 -24.17
N LEU B 326 3.72 3.35 -24.04
CA LEU B 326 5.10 3.38 -23.58
C LEU B 326 5.97 3.77 -24.77
N GLU B 327 6.41 5.02 -24.79
CA GLU B 327 7.16 5.58 -25.92
C GLU B 327 8.52 4.89 -26.13
N GLU B 328 9.28 4.76 -25.05
CA GLU B 328 10.61 4.15 -25.11
C GLU B 328 10.69 2.90 -24.23
N GLU B 329 11.53 1.95 -24.62
CA GLU B 329 11.71 0.70 -23.89
C GLU B 329 12.06 0.96 -22.43
N THR B 330 11.29 0.35 -21.53
CA THR B 330 11.47 0.55 -20.09
C THR B 330 11.42 -0.77 -19.34
N LEU B 331 12.21 -0.87 -18.27
CA LEU B 331 12.17 -2.01 -17.38
C LEU B 331 10.98 -1.80 -16.43
N ILE B 332 9.96 -2.64 -16.56
CA ILE B 332 8.76 -2.52 -15.72
C ILE B 332 8.64 -3.75 -14.79
N ASP B 333 8.85 -3.51 -13.50
CA ASP B 333 8.75 -4.56 -12.47
C ASP B 333 9.68 -5.75 -12.69
N GLY B 334 10.83 -5.51 -13.32
CA GLY B 334 11.80 -6.55 -13.60
C GLY B 334 11.56 -7.28 -14.90
N VAL B 335 10.60 -6.77 -15.69
CA VAL B 335 10.28 -7.33 -17.00
C VAL B 335 10.54 -6.26 -18.06
N ARG B 336 11.31 -6.63 -19.08
CA ARG B 336 11.61 -5.71 -20.17
C ARG B 336 10.43 -5.58 -21.14
N VAL B 337 9.96 -4.35 -21.29
CA VAL B 337 8.85 -4.06 -22.20
C VAL B 337 9.34 -3.07 -23.26
N PRO B 338 9.22 -3.44 -24.53
CA PRO B 338 9.75 -2.61 -25.63
C PRO B 338 8.96 -1.31 -25.84
N GLY B 339 9.53 -0.40 -26.61
CA GLY B 339 8.85 0.85 -26.97
C GLY B 339 7.71 0.58 -27.93
N ASN B 340 6.81 1.56 -28.06
CA ASN B 340 5.57 1.40 -28.85
C ASN B 340 4.63 0.32 -28.30
N THR B 341 4.53 0.25 -26.98
CA THR B 341 3.67 -0.73 -26.32
C THR B 341 2.54 -0.06 -25.54
N PRO B 342 1.29 -0.41 -25.86
CA PRO B 342 0.13 0.07 -25.12
C PRO B 342 0.04 -0.61 -23.74
N LEU B 343 0.27 0.16 -22.69
CA LEU B 343 0.18 -0.37 -21.33
C LEU B 343 -1.28 -0.30 -20.85
N LEU B 344 -1.82 -1.44 -20.47
CA LEU B 344 -3.18 -1.53 -19.96
C LEU B 344 -3.17 -1.38 -18.43
N PHE B 345 -4.11 -0.59 -17.93
CA PHE B 345 -4.28 -0.37 -16.49
C PHE B 345 -5.72 -0.68 -16.14
N SER B 346 -5.93 -1.52 -15.12
CA SER B 346 -7.27 -1.96 -14.75
C SER B 346 -7.56 -1.82 -13.26
N THR B 347 -8.62 -1.08 -12.94
CA THR B 347 -9.07 -0.93 -11.55
C THR B 347 -10.00 -2.07 -11.14
N TYR B 348 -10.60 -2.71 -12.13
CA TYR B 348 -11.42 -3.89 -11.90
C TYR B 348 -10.54 -5.04 -11.41
N VAL B 349 -9.37 -5.19 -12.02
CA VAL B 349 -8.47 -6.30 -11.71
C VAL B 349 -7.85 -6.15 -10.33
N MET B 350 -7.15 -5.04 -10.11
CA MET B 350 -6.46 -4.80 -8.85
C MET B 350 -7.41 -4.79 -7.66
N GLY B 351 -8.66 -4.37 -7.90
CA GLY B 351 -9.69 -4.35 -6.85
C GLY B 351 -10.10 -5.73 -6.40
N ARG B 352 -9.96 -6.71 -7.29
CA ARG B 352 -10.27 -8.10 -6.98
C ARG B 352 -9.02 -8.94 -6.70
N MET B 353 -7.90 -8.26 -6.43
CA MET B 353 -6.65 -8.93 -6.10
C MET B 353 -6.45 -8.92 -4.59
N ASP B 354 -6.48 -10.11 -3.99
CA ASP B 354 -6.33 -10.26 -2.54
C ASP B 354 -4.98 -9.77 -2.01
N THR B 355 -4.06 -9.47 -2.92
CA THR B 355 -2.77 -8.88 -2.55
C THR B 355 -2.87 -7.38 -2.25
N TYR B 356 -3.94 -6.75 -2.73
CA TYR B 356 -4.18 -5.33 -2.49
C TYR B 356 -5.43 -5.08 -1.65
N PHE B 357 -6.34 -6.05 -1.65
CA PHE B 357 -7.56 -5.96 -0.84
C PHE B 357 -7.90 -7.29 -0.17
N GLU B 358 -7.85 -7.32 1.17
CA GLU B 358 -8.18 -8.51 1.94
C GLU B 358 -9.64 -8.90 1.73
N ASP B 359 -9.89 -10.17 1.47
CA ASP B 359 -11.23 -10.69 1.20
C ASP B 359 -11.91 -9.80 0.14
N PRO B 360 -11.43 -9.87 -1.10
CA PRO B 360 -11.76 -8.88 -2.12
C PRO B 360 -13.17 -8.97 -2.69
N LEU B 361 -13.77 -10.16 -2.64
CA LEU B 361 -15.10 -10.36 -3.18
C LEU B 361 -16.19 -9.95 -2.19
N THR B 362 -15.80 -9.78 -0.93
CA THR B 362 -16.70 -9.28 0.10
C THR B 362 -16.95 -7.79 -0.11
N PHE B 363 -18.22 -7.42 -0.26
CA PHE B 363 -18.64 -6.03 -0.34
C PHE B 363 -18.63 -5.46 1.08
N ASN B 364 -17.63 -4.64 1.37
CA ASN B 364 -17.45 -4.08 2.71
C ASN B 364 -17.09 -2.59 2.66
N PRO B 365 -18.06 -1.72 2.94
CA PRO B 365 -17.84 -0.27 2.95
C PRO B 365 -16.96 0.24 4.10
N ASP B 366 -16.68 -0.63 5.07
CA ASP B 366 -15.81 -0.28 6.19
C ASP B 366 -14.33 -0.20 5.79
N ARG B 367 -14.04 -0.57 4.54
CA ARG B 367 -12.69 -0.39 3.97
C ARG B 367 -12.39 1.08 3.80
N PHE B 368 -13.43 1.87 3.53
CA PHE B 368 -13.29 3.30 3.28
C PHE B 368 -13.71 4.14 4.47
N GLY B 369 -13.88 3.49 5.62
CA GLY B 369 -14.28 4.17 6.85
C GLY B 369 -13.23 5.15 7.32
N PRO B 370 -13.66 6.30 7.86
CA PRO B 370 -12.73 7.32 8.34
C PRO B 370 -11.78 6.70 9.38
N GLY B 371 -10.48 6.81 9.13
CA GLY B 371 -9.48 6.17 9.96
C GLY B 371 -8.69 5.11 9.22
N ALA B 372 -9.22 4.67 8.08
CA ALA B 372 -8.51 3.71 7.23
C ALA B 372 -7.58 4.43 6.27
N PRO B 373 -6.40 3.85 6.01
CA PRO B 373 -5.45 4.41 5.05
C PRO B 373 -6.00 4.34 3.62
N LYS B 374 -5.91 5.45 2.90
CA LYS B 374 -6.43 5.53 1.54
C LYS B 374 -5.68 4.59 0.60
N PRO B 375 -6.42 3.88 -0.28
CA PRO B 375 -5.83 2.95 -1.23
C PRO B 375 -4.72 3.62 -2.03
N ARG B 376 -3.58 2.94 -2.15
CA ARG B 376 -2.38 3.54 -2.72
C ARG B 376 -2.16 3.08 -4.17
N PHE B 377 -2.83 3.75 -5.10
CA PHE B 377 -2.70 3.47 -6.54
C PHE B 377 -3.22 2.08 -6.95
N THR B 378 -4.11 1.53 -6.13
CA THR B 378 -4.73 0.24 -6.41
C THR B 378 -6.20 0.41 -6.81
N TYR B 379 -6.69 1.64 -6.71
CA TYR B 379 -8.11 1.93 -6.90
C TYR B 379 -8.27 3.23 -7.70
N PHE B 380 -8.83 3.11 -8.90
CA PHE B 380 -9.01 4.28 -9.78
C PHE B 380 -10.25 4.20 -10.70
N PRO B 381 -11.45 4.27 -10.11
CA PRO B 381 -12.69 4.18 -10.88
C PRO B 381 -12.97 5.43 -11.72
N PHE B 382 -12.17 6.47 -11.52
CA PHE B 382 -12.25 7.69 -12.34
C PHE B 382 -10.90 7.96 -13.02
N SER B 383 -10.05 6.94 -13.06
CA SER B 383 -8.67 7.07 -13.57
C SER B 383 -7.84 8.03 -12.71
N LEU B 384 -6.58 8.21 -13.08
CA LEU B 384 -5.66 9.05 -12.30
C LEU B 384 -4.81 9.96 -13.19
N GLY B 385 -4.09 10.88 -12.56
CA GLY B 385 -3.23 11.82 -13.30
C GLY B 385 -4.02 12.84 -14.09
N HIS B 386 -3.39 13.39 -15.12
CA HIS B 386 -4.00 14.48 -15.90
C HIS B 386 -5.19 14.04 -16.74
N ARG B 387 -5.18 12.78 -17.19
CA ARG B 387 -6.27 12.25 -18.01
C ARG B 387 -7.41 11.60 -17.20
N SER B 388 -7.51 11.96 -15.92
CA SER B 388 -8.59 11.47 -15.06
C SER B 388 -9.93 12.15 -15.38
N CYS B 389 -11.02 11.57 -14.90
CA CYS B 389 -12.38 12.03 -15.20
C CYS B 389 -12.64 13.49 -14.84
N ILE B 390 -13.01 14.28 -15.83
CA ILE B 390 -13.36 15.69 -15.61
C ILE B 390 -14.75 15.83 -14.98
N GLY B 391 -15.58 14.81 -15.17
CA GLY B 391 -16.92 14.80 -14.61
C GLY B 391 -17.02 14.04 -13.31
N GLN B 392 -15.87 13.73 -12.73
CA GLN B 392 -15.81 12.96 -11.47
C GLN B 392 -16.74 13.50 -10.38
N GLN B 393 -16.49 14.73 -9.94
CA GLN B 393 -17.31 15.34 -8.88
C GLN B 393 -18.76 15.54 -9.32
N PHE B 394 -18.94 15.92 -10.59
CA PHE B 394 -20.27 15.98 -11.20
C PHE B 394 -21.03 14.67 -10.95
N ALA B 395 -20.39 13.55 -11.31
CA ALA B 395 -20.98 12.23 -11.16
C ALA B 395 -21.24 11.85 -9.70
N GLN B 396 -20.25 12.10 -8.85
CA GLN B 396 -20.36 11.75 -7.44
C GLN B 396 -21.50 12.48 -6.74
N MET B 397 -21.73 13.73 -7.15
CA MET B 397 -22.80 14.53 -6.60
C MET B 397 -24.17 14.03 -7.02
N GLU B 398 -24.34 13.75 -8.32
CA GLU B 398 -25.63 13.30 -8.85
C GLU B 398 -26.08 11.95 -8.28
N VAL B 399 -25.15 11.02 -8.11
CA VAL B 399 -25.49 9.70 -7.59
C VAL B 399 -25.82 9.74 -6.10
N LYS B 400 -25.09 10.58 -5.36
CA LYS B 400 -25.35 10.79 -3.94
C LYS B 400 -26.75 11.35 -3.68
N VAL B 401 -27.13 12.33 -4.49
CA VAL B 401 -28.48 12.91 -4.41
C VAL B 401 -29.53 11.83 -4.67
N VAL B 402 -29.40 11.13 -5.79
CA VAL B 402 -30.33 10.05 -6.15
C VAL B 402 -30.40 8.94 -5.08
N MET B 403 -29.23 8.45 -4.66
CA MET B 403 -29.18 7.39 -3.64
C MET B 403 -29.77 7.83 -2.31
N ALA B 404 -29.55 9.11 -1.96
CA ALA B 404 -30.11 9.68 -0.74
C ALA B 404 -31.63 9.65 -0.76
N LYS B 405 -32.22 10.09 -1.86
CA LYS B 405 -33.68 10.17 -1.99
C LYS B 405 -34.32 8.78 -2.08
N LEU B 406 -33.62 7.84 -2.71
CA LEU B 406 -34.07 6.45 -2.78
C LEU B 406 -34.05 5.78 -1.40
N LEU B 407 -33.03 6.09 -0.61
CA LEU B 407 -32.89 5.53 0.73
C LEU B 407 -33.85 6.13 1.75
N GLN B 408 -34.44 7.28 1.41
CA GLN B 408 -35.41 7.95 2.26
C GLN B 408 -36.81 7.33 2.19
N ARG B 409 -37.20 6.91 0.98
CA ARG B 409 -38.60 6.67 0.68
C ARG B 409 -38.93 5.24 0.26
N LEU B 410 -37.97 4.55 -0.34
CA LEU B 410 -38.24 3.28 -1.01
C LEU B 410 -37.40 2.11 -0.53
N GLU B 411 -38.05 0.94 -0.46
CA GLU B 411 -37.36 -0.32 -0.18
C GLU B 411 -37.43 -1.18 -1.44
N PHE B 412 -36.31 -1.80 -1.78
CA PHE B 412 -36.21 -2.58 -3.01
C PHE B 412 -36.06 -4.06 -2.71
N ARG B 413 -36.78 -4.87 -3.49
CA ARG B 413 -36.63 -6.32 -3.42
C ARG B 413 -36.42 -6.82 -4.85
N LEU B 414 -35.29 -7.48 -5.06
CA LEU B 414 -34.93 -7.99 -6.38
C LEU B 414 -35.90 -9.11 -6.77
N VAL B 415 -36.29 -9.14 -8.04
CA VAL B 415 -37.27 -10.12 -8.53
C VAL B 415 -36.58 -11.45 -8.83
N PRO B 416 -37.12 -12.54 -8.28
CA PRO B 416 -36.62 -13.89 -8.56
C PRO B 416 -36.31 -14.09 -10.05
N GLY B 417 -35.09 -14.56 -10.34
CA GLY B 417 -34.64 -14.73 -11.72
C GLY B 417 -33.63 -13.67 -12.13
N GLN B 418 -33.31 -12.78 -11.20
CA GLN B 418 -32.34 -11.72 -11.46
C GLN B 418 -30.95 -12.08 -10.93
N ARG B 419 -29.95 -11.97 -11.81
CA ARG B 419 -28.57 -12.34 -11.48
C ARG B 419 -27.80 -11.15 -10.91
N PHE B 420 -26.74 -11.46 -10.17
CA PHE B 420 -25.90 -10.42 -9.55
C PHE B 420 -24.62 -10.14 -10.33
N GLY B 421 -24.46 -10.82 -11.47
CA GLY B 421 -23.24 -10.71 -12.27
C GLY B 421 -23.08 -9.45 -13.09
N LEU B 422 -22.01 -9.41 -13.89
CA LEU B 422 -21.70 -8.27 -14.74
C LEU B 422 -21.59 -8.70 -16.20
N GLN B 423 -21.48 -7.72 -17.08
CA GLN B 423 -21.14 -7.96 -18.48
C GLN B 423 -20.27 -6.82 -18.99
N GLU B 424 -19.41 -7.12 -19.96
CA GLU B 424 -18.60 -6.07 -20.60
C GLU B 424 -19.25 -5.68 -21.92
N GLN B 425 -19.94 -4.55 -21.92
CA GLN B 425 -20.54 -3.98 -23.11
C GLN B 425 -19.60 -2.86 -23.54
N ALA B 426 -20.16 -1.67 -23.76
CA ALA B 426 -19.37 -0.47 -23.95
C ALA B 426 -18.71 -0.09 -22.61
N THR B 427 -19.38 -0.46 -21.52
CA THR B 427 -18.83 -0.30 -20.18
C THR B 427 -19.16 -1.58 -19.39
N LEU B 428 -18.75 -1.61 -18.13
CA LEU B 428 -19.18 -2.69 -17.25
C LEU B 428 -20.52 -2.31 -16.65
N LYS B 429 -21.49 -3.21 -16.80
CA LYS B 429 -22.85 -2.97 -16.32
C LYS B 429 -23.46 -4.29 -15.84
N PRO B 430 -24.52 -4.22 -15.02
CA PRO B 430 -25.20 -5.42 -14.55
C PRO B 430 -25.66 -6.27 -15.73
N LEU B 431 -25.42 -7.58 -15.65
CA LEU B 431 -25.84 -8.50 -16.70
C LEU B 431 -27.37 -8.49 -16.82
N ASP B 432 -28.04 -8.59 -15.67
CA ASP B 432 -29.49 -8.51 -15.62
C ASP B 432 -29.97 -7.07 -15.40
N PRO B 433 -31.20 -6.75 -15.84
CA PRO B 433 -31.70 -5.36 -15.81
C PRO B 433 -32.06 -4.84 -14.41
N VAL B 434 -31.68 -5.58 -13.37
CA VAL B 434 -31.97 -5.20 -11.98
C VAL B 434 -33.47 -5.00 -11.74
N LEU B 435 -34.26 -5.98 -12.15
CA LEU B 435 -35.71 -5.95 -11.97
C LEU B 435 -36.07 -6.03 -10.49
N CYS B 436 -36.82 -5.02 -10.02
CA CYS B 436 -37.18 -4.95 -8.61
C CYS B 436 -38.67 -4.65 -8.39
N THR B 437 -39.18 -5.09 -7.26
CA THR B 437 -40.48 -4.63 -6.77
C THR B 437 -40.20 -3.60 -5.69
N LEU B 438 -41.06 -2.58 -5.62
CA LEU B 438 -40.83 -1.46 -4.72
C LEU B 438 -41.91 -1.30 -3.66
N ARG B 439 -41.51 -0.76 -2.52
CA ARG B 439 -42.43 -0.52 -1.41
C ARG B 439 -42.03 0.78 -0.71
N PRO B 440 -43.01 1.53 -0.21
CA PRO B 440 -42.73 2.72 0.60
C PRO B 440 -41.97 2.34 1.88
N ARG B 441 -41.17 3.27 2.39
CA ARG B 441 -40.40 3.02 3.61
C ARG B 441 -41.22 3.37 4.84
#